data_2IAL
#
_entry.id   2IAL
#
_cell.length_a   170.044
_cell.length_b   65.663
_cell.length_c   84.817
_cell.angle_alpha   90.00
_cell.angle_beta   90.00
_cell.angle_gamma   90.00
#
_symmetry.space_group_name_H-M   'P 21 21 21'
#
loop_
_entity.id
_entity.type
_entity.pdbx_description
1 polymer 'CD4+ T cell receptor E8 alpha chain'
2 polymer 'CD4+ T cell receptor E8 beta chain'
3 water water
#
loop_
_entity_poly.entity_id
_entity_poly.type
_entity_poly.pdbx_seq_one_letter_code
_entity_poly.pdbx_strand_id
1 'polypeptide(L)'
;IQVEQSPPDLILQEGANSTLRCNFSDSVNNLQWFHQNPWGQLINLFYIPSGTKQNGRLSATTVATERYSLLYISSSQTTD
SGVYFCAALIQGAQKLVFGQGTRLTINPNIQNPDPAVYQLRDSKSSDKSVCLFTDFDSQTNVSQSKDSDVYITDKCVLDM
RSMDFKSNSAVAWSNKSDFACANAFNNSIIPEDTFFPSPESS
;
A,C
2 'polypeptide(L)'
;NAGVTQTPKFRILKIGQSMTLQCTQDMNHNYMYWYRQDPGMGLKLIYYSVGAGITDKGEVPNGYNVSRSTTEDFPLRLEL
AAPSQTSVYFCASTYHGTGYFGEGSWLTVVEDLNKVFPPEVAVFEPSEAEISHTQKATLVCLATGFFPDHVELSWWVNGK
EVHSGVCTDPQPLKEQPALNDSRYALSSRLRVSATFWQNPRNHFRCQVQFYGLSENDEWTQDRAKPVTQIVSAEAWGRAD
;
B,D
#
# COMPACT_ATOMS: atom_id res chain seq x y z
N ILE A 1 22.04 17.76 14.39
CA ILE A 1 22.42 16.75 15.42
C ILE A 1 21.29 15.73 15.67
N GLN A 2 20.10 16.24 15.96
CA GLN A 2 19.03 15.33 16.30
C GLN A 2 17.66 15.59 15.68
N VAL A 3 16.98 14.48 15.52
CA VAL A 3 15.66 14.38 14.94
C VAL A 3 14.84 13.86 16.10
N GLU A 4 13.72 14.49 16.38
CA GLU A 4 12.85 14.10 17.47
C GLU A 4 11.42 13.86 16.96
N GLN A 5 10.88 12.69 17.22
CA GLN A 5 9.53 12.41 16.70
C GLN A 5 8.50 12.37 17.82
N SER A 6 7.24 12.55 17.44
CA SER A 6 6.16 12.52 18.39
C SER A 6 4.76 12.47 17.82
N PRO A 7 4.00 11.46 18.25
CA PRO A 7 3.73 11.11 19.64
C PRO A 7 4.61 9.85 19.77
N PRO A 8 4.84 9.32 20.97
CA PRO A 8 5.61 8.06 21.05
C PRO A 8 4.91 6.86 20.34
N ASP A 9 3.58 6.86 20.39
CA ASP A 9 2.77 5.94 19.60
C ASP A 9 1.38 6.56 19.28
N LEU A 10 0.67 5.94 18.35
CA LEU A 10 -0.65 6.39 17.96
C LEU A 10 -1.41 5.08 17.67
N ILE A 11 -2.59 4.93 18.27
CA ILE A 11 -3.58 3.85 18.05
C ILE A 11 -4.89 4.48 17.63
N LEU A 12 -5.40 4.05 16.48
CA LEU A 12 -6.60 4.61 15.90
C LEU A 12 -7.43 3.49 15.27
N GLN A 13 -8.68 3.83 14.92
CA GLN A 13 -9.56 2.93 14.18
C GLN A 13 -9.44 3.15 12.69
N GLU A 14 -9.53 2.04 11.95
CA GLU A 14 -9.77 2.03 10.53
C GLU A 14 -10.64 3.25 10.24
N GLY A 15 -10.19 4.09 9.32
CA GLY A 15 -10.99 5.22 8.89
C GLY A 15 -10.47 6.58 9.34
N ALA A 16 -9.89 6.64 10.53
CA ALA A 16 -9.34 7.87 11.11
C ALA A 16 -8.18 8.48 10.30
N ASN A 17 -7.99 9.79 10.46
CA ASN A 17 -6.89 10.56 9.87
C ASN A 17 -5.74 10.71 10.86
N SER A 18 -4.54 10.39 10.40
CA SER A 18 -3.36 10.34 11.30
C SER A 18 -2.39 11.49 11.04
N THR A 19 -1.93 12.15 12.11
CA THR A 19 -0.78 13.07 12.03
C THR A 19 0.39 12.76 13.00
N LEU A 20 1.58 12.67 12.43
CA LEU A 20 2.81 12.38 13.15
C LEU A 20 3.71 13.58 12.96
N ARG A 21 4.56 13.81 13.95
CA ARG A 21 5.39 15.00 14.01
C ARG A 21 6.88 14.63 14.13
N CYS A 22 7.71 15.43 13.48
CA CYS A 22 9.15 15.32 13.60
C CYS A 22 9.71 16.73 13.85
N ASN A 23 10.32 16.96 15.03
CA ASN A 23 11.11 18.20 15.26
C ASN A 23 12.59 17.98 15.17
N PHE A 24 13.26 18.88 14.47
CA PHE A 24 14.68 18.70 14.22
C PHE A 24 15.51 19.94 14.56
N SER A 25 16.79 19.73 14.85
CA SER A 25 17.66 20.82 15.14
C SER A 25 18.09 21.56 13.86
N ASP A 26 18.76 22.70 14.03
CA ASP A 26 19.13 23.56 12.92
C ASP A 26 20.44 23.14 12.22
N SER A 27 20.97 21.99 12.62
CA SER A 27 22.12 21.42 11.93
C SER A 27 21.74 20.24 11.01
N VAL A 28 20.43 19.99 10.83
CA VAL A 28 20.00 18.97 9.85
C VAL A 28 18.99 19.54 8.86
N ASN A 29 18.85 18.81 7.75
CA ASN A 29 18.09 19.25 6.58
C ASN A 29 17.74 18.00 5.74
N ASN A 30 17.11 18.22 4.58
CA ASN A 30 16.83 17.15 3.61
C ASN A 30 16.02 16.01 4.22
N LEU A 31 14.94 16.38 4.90
CA LEU A 31 14.15 15.45 5.67
C LEU A 31 13.44 14.43 4.82
N GLN A 32 13.27 13.23 5.35
CA GLN A 32 12.63 12.12 4.70
C GLN A 32 11.73 11.37 5.71
N TRP A 33 10.66 10.71 5.24
CA TRP A 33 9.84 9.81 6.05
C TRP A 33 9.92 8.41 5.49
N PHE A 34 9.92 7.44 6.40
CA PHE A 34 9.91 6.02 6.06
C PHE A 34 8.85 5.24 6.86
N HIS A 35 8.30 4.19 6.27
CA HIS A 35 7.47 3.26 7.00
C HIS A 35 8.30 1.97 7.13
N GLN A 36 8.39 1.45 8.36
CA GLN A 36 8.98 0.16 8.61
C GLN A 36 7.86 -0.85 8.90
N ASN A 37 7.70 -1.85 8.06
CA ASN A 37 6.62 -2.80 8.26
C ASN A 37 6.99 -3.79 9.39
N PRO A 38 6.00 -4.52 9.93
CA PRO A 38 6.25 -5.52 10.98
C PRO A 38 7.35 -6.54 10.69
N TRP A 39 7.68 -6.70 9.41
CA TRP A 39 8.72 -7.64 8.99
C TRP A 39 10.11 -6.95 8.91
N GLY A 40 10.11 -5.67 9.26
CA GLY A 40 11.36 -4.90 9.39
C GLY A 40 11.81 -4.16 8.11
N GLN A 41 11.04 -4.28 7.04
CA GLN A 41 11.38 -3.63 5.77
C GLN A 41 11.02 -2.15 5.79
N LEU A 42 12.03 -1.32 5.59
CA LEU A 42 11.85 0.11 5.44
C LEU A 42 11.59 0.51 3.96
N ILE A 43 10.60 1.38 3.76
CA ILE A 43 10.26 1.90 2.43
C ILE A 43 10.14 3.39 2.66
N ASN A 44 10.70 4.16 1.75
CA ASN A 44 10.64 5.63 1.76
C ASN A 44 9.18 6.10 1.51
N LEU A 45 8.73 7.07 2.28
CA LEU A 45 7.43 7.66 1.98
C LEU A 45 7.62 8.96 1.18
N PHE A 46 8.50 9.86 1.64
CA PHE A 46 8.70 11.15 0.99
C PHE A 46 10.14 11.56 1.20
N TYR A 47 10.73 12.17 0.15
CA TYR A 47 11.82 13.14 0.35
C TYR A 47 11.09 14.50 0.49
N ILE A 48 11.26 15.19 1.63
CA ILE A 48 10.47 16.40 1.89
C ILE A 48 11.27 17.51 2.59
N PRO A 49 12.23 18.11 1.86
CA PRO A 49 13.02 19.22 2.46
C PRO A 49 12.19 20.47 2.89
N SER A 50 11.09 20.74 2.20
CA SER A 50 10.25 21.94 2.43
C SER A 50 9.09 21.88 1.44
N GLY A 51 7.96 22.44 1.85
CA GLY A 51 6.70 22.38 1.08
C GLY A 51 5.78 21.26 1.57
N THR A 52 4.87 20.81 0.71
CA THR A 52 3.91 19.72 1.05
C THR A 52 3.86 18.78 -0.13
N LYS A 53 3.85 17.48 0.15
CA LYS A 53 3.70 16.50 -0.89
C LYS A 53 2.59 15.52 -0.59
N GLN A 54 2.06 14.90 -1.63
CA GLN A 54 0.96 13.96 -1.52
C GLN A 54 1.36 12.68 -2.19
N ASN A 55 0.97 11.56 -1.61
CA ASN A 55 1.19 10.28 -2.27
C ASN A 55 0.02 9.35 -1.96
N GLY A 56 -0.97 9.34 -2.87
CA GLY A 56 -2.27 8.70 -2.55
C GLY A 56 -2.85 9.29 -1.26
N ARG A 57 -3.09 8.41 -0.28
CA ARG A 57 -3.75 8.73 1.01
C ARG A 57 -2.83 9.43 1.99
N LEU A 58 -1.54 9.40 1.68
CA LEU A 58 -0.50 9.98 2.54
C LEU A 58 -0.08 11.37 2.08
N SER A 59 0.23 12.25 3.03
CA SER A 59 0.84 13.55 2.72
C SER A 59 1.88 14.03 3.76
N ALA A 60 2.74 14.98 3.37
CA ALA A 60 3.83 15.43 4.23
C ALA A 60 4.13 16.89 4.06
N THR A 61 4.31 17.59 5.19
CA THR A 61 4.73 19.02 5.19
C THR A 61 6.00 19.26 6.03
N THR A 62 6.94 20.01 5.45
CA THR A 62 8.13 20.50 6.14
C THR A 62 8.19 22.00 6.11
N VAL A 63 8.13 22.54 7.32
CA VAL A 63 8.30 23.94 7.57
C VAL A 63 9.72 24.03 8.11
N ALA A 64 10.70 24.12 7.20
CA ALA A 64 12.09 24.09 7.62
C ALA A 64 12.48 25.32 8.43
N THR A 65 11.74 26.41 8.23
CA THR A 65 11.88 27.62 9.03
C THR A 65 11.49 27.41 10.48
N GLU A 66 10.50 26.55 10.71
CA GLU A 66 10.02 26.27 12.06
C GLU A 66 10.62 24.93 12.57
N ARG A 67 11.51 24.36 11.75
CA ARG A 67 12.26 23.16 12.09
C ARG A 67 11.34 22.00 12.53
N TYR A 68 10.26 21.82 11.78
CA TYR A 68 9.48 20.63 11.94
C TYR A 68 8.94 20.11 10.62
N SER A 69 8.40 18.92 10.70
CA SER A 69 7.82 18.27 9.56
C SER A 69 6.69 17.44 10.15
N LEU A 70 5.62 17.29 9.36
CA LEU A 70 4.39 16.60 9.71
C LEU A 70 4.08 15.61 8.63
N LEU A 71 3.76 14.37 9.04
CA LEU A 71 3.24 13.33 8.14
C LEU A 71 1.75 13.04 8.42
N TYR A 72 0.96 13.13 7.36
CA TYR A 72 -0.48 12.88 7.41
C TYR A 72 -0.86 11.56 6.74
N ILE A 73 -1.50 10.66 7.48
CA ILE A 73 -2.13 9.49 6.83
C ILE A 73 -3.65 9.67 6.83
N SER A 74 -4.24 9.69 5.64
CA SER A 74 -5.71 9.78 5.51
C SER A 74 -6.43 8.44 5.35
N SER A 75 -7.63 8.36 5.88
CA SER A 75 -8.39 7.13 6.01
C SER A 75 -7.52 5.88 6.23
N SER A 76 -6.96 5.83 7.43
CA SER A 76 -6.06 4.78 7.85
C SER A 76 -6.62 3.37 7.66
N GLN A 77 -5.79 2.52 7.06
CA GLN A 77 -6.05 1.10 6.90
C GLN A 77 -5.17 0.28 7.86
N THR A 78 -5.63 -0.90 8.22
CA THR A 78 -4.88 -1.81 9.09
C THR A 78 -3.45 -2.04 8.63
N THR A 79 -3.26 -1.92 7.30
CA THR A 79 -1.97 -2.15 6.63
C THR A 79 -1.02 -0.97 6.85
N ASP A 80 -1.54 0.15 7.34
CA ASP A 80 -0.69 1.27 7.73
C ASP A 80 0.07 1.03 9.01
N SER A 81 -0.25 -0.04 9.75
CA SER A 81 0.45 -0.32 11.03
C SER A 81 1.94 -0.55 10.84
N GLY A 82 2.77 -0.09 11.76
CA GLY A 82 4.20 -0.23 11.63
C GLY A 82 4.84 0.89 12.42
N VAL A 83 6.11 1.15 12.16
CA VAL A 83 6.79 2.25 12.75
C VAL A 83 7.11 3.24 11.67
N TYR A 84 6.92 4.53 12.00
CA TYR A 84 7.19 5.62 11.07
C TYR A 84 8.39 6.36 11.54
N PHE A 85 9.41 6.48 10.68
CA PHE A 85 10.61 7.28 11.01
C PHE A 85 10.76 8.51 10.14
N CYS A 86 11.29 9.59 10.72
CA CYS A 86 11.87 10.67 9.87
C CYS A 86 13.38 10.52 9.96
N ALA A 87 14.10 11.04 8.95
CA ALA A 87 15.54 10.95 8.88
C ALA A 87 15.98 12.25 8.19
N ALA A 88 17.18 12.70 8.51
CA ALA A 88 17.69 13.95 7.98
C ALA A 88 19.18 13.86 7.87
N LEU A 89 19.76 14.64 6.97
CA LEU A 89 21.21 14.73 6.75
C LEU A 89 21.80 15.76 7.65
N ILE A 90 22.81 15.38 8.42
CA ILE A 90 23.49 16.35 9.24
C ILE A 90 24.17 17.29 8.23
N GLN A 91 24.03 18.62 8.40
CA GLN A 91 24.50 19.59 7.41
C GLN A 91 26.01 19.52 7.16
N GLY A 92 26.41 19.82 5.92
CA GLY A 92 27.79 19.58 5.44
C GLY A 92 27.94 18.11 5.13
N ALA A 93 27.86 17.30 6.19
CA ALA A 93 27.88 15.83 6.16
C ALA A 93 26.74 15.21 5.35
N GLN A 94 27.04 14.08 4.72
CA GLN A 94 25.98 13.33 4.09
C GLN A 94 25.67 12.22 5.06
N LYS A 95 25.72 12.51 6.35
CA LYS A 95 25.38 11.51 7.37
C LYS A 95 23.87 11.54 7.52
N LEU A 96 23.24 10.46 7.14
CA LEU A 96 21.80 10.28 7.26
C LEU A 96 21.46 9.56 8.58
N VAL A 97 20.77 10.35 9.40
CA VAL A 97 20.49 10.09 10.77
C VAL A 97 18.93 10.03 11.02
N PHE A 98 18.47 9.12 11.89
CA PHE A 98 17.05 8.81 12.09
C PHE A 98 16.57 9.23 13.45
N GLY A 99 15.27 9.58 13.56
CA GLY A 99 14.58 9.66 14.87
C GLY A 99 14.28 8.29 15.50
N GLN A 100 13.73 8.31 16.71
CA GLN A 100 13.36 7.07 17.40
C GLN A 100 12.13 6.32 16.87
N GLY A 101 11.36 6.94 15.96
CA GLY A 101 10.12 6.34 15.46
C GLY A 101 8.85 6.65 16.26
N THR A 102 7.72 6.57 15.57
CA THR A 102 6.40 6.51 16.17
C THR A 102 5.77 5.20 15.73
N ARG A 103 5.36 4.35 16.68
CA ARG A 103 4.56 3.14 16.42
C ARG A 103 3.12 3.51 16.10
N LEU A 104 2.61 3.03 14.98
CA LEU A 104 1.24 3.28 14.55
C LEU A 104 0.50 1.94 14.55
N THR A 105 -0.61 1.85 15.30
CA THR A 105 -1.49 0.67 15.21
C THR A 105 -2.81 1.13 14.67
N ILE A 106 -3.23 0.54 13.57
CA ILE A 106 -4.57 0.81 13.05
C ILE A 106 -5.46 -0.39 13.26
N ASN A 107 -6.51 -0.16 14.06
CA ASN A 107 -7.39 -1.21 14.49
C ASN A 107 -8.61 -1.35 13.57
N PRO A 108 -9.09 -2.59 13.41
CA PRO A 108 -10.28 -2.76 12.58
C PRO A 108 -11.55 -2.37 13.37
N ASN A 109 -12.53 -1.82 12.68
CA ASN A 109 -13.86 -1.68 13.23
C ASN A 109 -14.51 -3.05 13.11
N ILE A 110 -14.76 -3.68 14.27
CA ILE A 110 -15.40 -5.00 14.36
C ILE A 110 -16.89 -4.74 14.21
N GLN A 111 -17.39 -5.03 13.00
CA GLN A 111 -18.82 -4.90 12.67
C GLN A 111 -19.80 -5.48 13.70
N ASN A 112 -19.48 -6.68 14.20
CA ASN A 112 -20.38 -7.49 15.01
C ASN A 112 -19.67 -8.29 16.13
N PRO A 113 -19.28 -7.61 17.24
CA PRO A 113 -18.58 -8.29 18.33
C PRO A 113 -19.36 -9.52 18.81
N ASP A 114 -18.63 -10.55 19.23
CA ASP A 114 -19.21 -11.78 19.74
C ASP A 114 -18.14 -12.31 20.69
N PRO A 115 -17.66 -11.44 21.58
CA PRO A 115 -16.50 -11.87 22.36
C PRO A 115 -16.67 -13.27 23.01
N ALA A 116 -15.68 -14.15 22.89
CA ALA A 116 -15.85 -15.53 23.40
C ALA A 116 -14.47 -16.11 23.74
N VAL A 117 -14.44 -17.05 24.72
CA VAL A 117 -13.21 -17.84 25.01
C VAL A 117 -13.42 -19.35 24.77
N TYR A 118 -12.52 -19.93 24.00
CA TYR A 118 -12.65 -21.30 23.50
C TYR A 118 -11.42 -22.08 23.92
N GLN A 119 -11.64 -23.36 24.19
CA GLN A 119 -10.58 -24.33 24.36
C GLN A 119 -10.35 -25.15 23.09
N LEU A 120 -9.08 -25.21 22.73
CA LEU A 120 -8.57 -25.89 21.54
C LEU A 120 -7.59 -26.98 21.95
N ARG A 121 -7.88 -28.23 21.59
CA ARG A 121 -6.99 -29.35 21.87
C ARG A 121 -5.91 -29.48 20.85
N ASP A 122 -4.73 -29.90 21.31
CA ASP A 122 -3.61 -30.34 20.44
C ASP A 122 -4.06 -31.38 19.45
N SER A 123 -3.65 -31.25 18.18
CA SER A 123 -3.99 -32.27 17.20
C SER A 123 -3.23 -33.59 17.43
N LYS A 124 -2.12 -33.56 18.15
CA LYS A 124 -1.27 -34.77 18.27
C LYS A 124 -0.67 -35.03 19.65
N ASP A 127 -4.58 -34.17 26.10
CA ASP A 127 -3.91 -33.67 27.30
C ASP A 127 -3.50 -32.20 27.12
N LYS A 128 -3.04 -31.84 25.92
CA LYS A 128 -2.54 -30.50 25.71
C LYS A 128 -3.55 -29.60 25.01
N SER A 129 -3.75 -28.40 25.57
CA SER A 129 -4.64 -27.42 24.98
C SER A 129 -4.22 -25.96 25.21
N VAL A 130 -4.95 -25.06 24.58
CA VAL A 130 -4.62 -23.68 24.47
C VAL A 130 -5.99 -23.02 24.63
N CYS A 131 -6.01 -21.74 25.01
CA CYS A 131 -7.25 -20.93 25.10
C CYS A 131 -7.26 -19.79 24.11
N LEU A 132 -8.37 -19.65 23.40
CA LEU A 132 -8.46 -18.59 22.41
C LEU A 132 -9.50 -17.58 22.83
N PHE A 133 -9.13 -16.30 22.94
CA PHE A 133 -10.09 -15.21 23.22
C PHE A 133 -10.24 -14.49 21.89
N THR A 134 -11.45 -14.47 21.33
CA THR A 134 -11.67 -14.00 19.97
C THR A 134 -12.96 -13.19 19.81
N ASP A 135 -13.08 -12.46 18.70
CA ASP A 135 -14.33 -11.79 18.28
C ASP A 135 -14.72 -10.58 19.12
N PHE A 136 -13.73 -10.08 19.89
CA PHE A 136 -13.93 -8.89 20.73
C PHE A 136 -13.74 -7.63 19.89
N ASP A 137 -14.36 -6.53 20.28
CA ASP A 137 -14.11 -5.23 19.61
C ASP A 137 -12.73 -4.66 19.97
N SER A 138 -12.29 -3.69 19.18
CA SER A 138 -10.90 -3.22 19.30
C SER A 138 -10.58 -2.48 20.58
N GLN A 139 -11.63 -2.05 21.28
CA GLN A 139 -11.51 -1.38 22.58
C GLN A 139 -11.00 -2.30 23.66
N THR A 140 -11.14 -3.61 23.48
CA THR A 140 -10.59 -4.54 24.48
C THR A 140 -9.05 -4.57 24.45
N ASN A 141 -8.44 -4.52 25.62
CA ASN A 141 -7.01 -4.76 25.74
C ASN A 141 -6.82 -6.15 26.30
N VAL A 142 -5.74 -6.81 25.90
CA VAL A 142 -5.46 -8.16 26.40
C VAL A 142 -4.27 -8.14 27.39
N SER A 143 -4.61 -8.27 28.67
CA SER A 143 -3.63 -8.09 29.76
C SER A 143 -2.52 -9.14 29.69
N GLN A 144 -1.30 -8.72 30.05
CA GLN A 144 -0.21 -9.67 30.21
C GLN A 144 -0.53 -10.64 31.36
N SER A 145 0.16 -11.77 31.34
CA SER A 145 0.01 -12.77 32.37
C SER A 145 0.63 -12.26 33.66
N LYS A 146 -0.15 -12.30 34.75
CA LYS A 146 0.39 -12.02 36.08
C LYS A 146 0.71 -13.34 36.81
N ASP A 147 1.46 -14.17 36.09
CA ASP A 147 1.90 -15.50 36.52
C ASP A 147 3.08 -15.92 35.64
N SER A 148 4.21 -16.21 36.28
CA SER A 148 5.45 -16.53 35.55
C SER A 148 5.29 -17.61 34.48
N ASP A 149 4.44 -18.60 34.76
CA ASP A 149 4.23 -19.71 33.80
C ASP A 149 2.78 -19.95 33.33
N VAL A 150 2.04 -18.85 33.19
CA VAL A 150 0.91 -18.79 32.28
C VAL A 150 1.35 -17.82 31.21
N TYR A 151 1.17 -18.18 29.94
CA TYR A 151 1.53 -17.28 28.84
C TYR A 151 0.31 -16.71 28.17
N ILE A 152 0.30 -15.39 28.02
CA ILE A 152 -0.74 -14.72 27.26
C ILE A 152 -0.17 -13.80 26.18
N THR A 153 -0.55 -14.08 24.93
CA THR A 153 -0.13 -13.29 23.78
C THR A 153 -0.84 -11.95 23.76
N ASP A 154 -0.30 -10.97 23.03
CA ASP A 154 -1.08 -9.75 22.78
C ASP A 154 -2.07 -10.04 21.67
N LYS A 155 -3.00 -9.13 21.46
CA LYS A 155 -4.00 -9.34 20.43
C LYS A 155 -3.40 -9.25 19.03
N CYS A 156 -3.95 -9.99 18.09
CA CYS A 156 -3.70 -9.64 16.73
C CYS A 156 -4.92 -9.78 15.79
N VAL A 157 -4.87 -9.00 14.71
CA VAL A 157 -5.89 -8.85 13.71
C VAL A 157 -5.67 -9.82 12.55
N LEU A 158 -6.70 -10.57 12.26
CA LEU A 158 -6.60 -11.52 11.20
C LEU A 158 -7.67 -11.09 10.20
N ASP A 159 -7.32 -11.10 8.93
CA ASP A 159 -8.20 -10.70 7.86
C ASP A 159 -8.62 -11.94 7.03
N MET A 160 -9.91 -12.24 6.99
CA MET A 160 -10.36 -13.33 6.09
C MET A 160 -10.81 -12.63 4.80
N ARG A 161 -9.85 -12.54 3.89
CA ARG A 161 -9.95 -11.61 2.78
C ARG A 161 -11.23 -11.82 1.99
N SER A 162 -11.46 -13.04 1.54
CA SER A 162 -12.56 -13.24 0.61
C SER A 162 -13.95 -13.14 1.26
N MET A 163 -14.00 -13.02 2.58
CA MET A 163 -15.27 -12.81 3.28
C MET A 163 -15.35 -11.40 3.83
N ASP A 164 -14.32 -10.59 3.55
CA ASP A 164 -14.32 -9.19 3.98
C ASP A 164 -14.50 -9.12 5.52
N PHE A 165 -13.77 -9.98 6.24
CA PHE A 165 -13.99 -10.15 7.68
C PHE A 165 -12.67 -10.04 8.46
N LYS A 166 -12.63 -9.13 9.43
CA LYS A 166 -11.45 -9.03 10.31
C LYS A 166 -11.88 -9.31 11.74
N SER A 167 -11.02 -9.96 12.52
CA SER A 167 -11.31 -10.27 13.90
C SER A 167 -10.04 -10.21 14.71
N ASN A 168 -10.21 -9.85 15.98
CA ASN A 168 -9.14 -9.89 16.99
C ASN A 168 -9.08 -11.25 17.71
N SER A 169 -7.88 -11.68 18.05
CA SER A 169 -7.69 -12.82 18.93
C SER A 169 -6.45 -12.72 19.83
N ALA A 170 -6.50 -13.37 20.96
CA ALA A 170 -5.32 -13.54 21.78
C ALA A 170 -5.34 -15.00 22.21
N VAL A 171 -4.17 -15.54 22.57
CA VAL A 171 -4.01 -16.95 22.86
C VAL A 171 -3.32 -16.99 24.23
N ALA A 172 -3.65 -18.00 25.00
CA ALA A 172 -3.07 -18.28 26.34
C ALA A 172 -2.90 -19.79 26.50
N TRP A 173 -1.84 -20.19 27.19
CA TRP A 173 -1.60 -21.60 27.49
C TRP A 173 -0.74 -21.82 28.77
N SER A 174 -0.69 -23.06 29.22
CA SER A 174 0.05 -23.41 30.42
C SER A 174 0.05 -24.91 30.62
N ASN A 175 1.10 -25.39 31.26
CA ASN A 175 1.24 -26.78 31.68
C ASN A 175 0.54 -27.05 33.00
N LYS A 176 0.32 -25.98 33.79
CA LYS A 176 -0.31 -26.10 35.12
C LYS A 176 -1.49 -27.08 35.16
N SER A 177 -1.60 -27.77 36.30
CA SER A 177 -2.65 -28.78 36.51
C SER A 177 -4.05 -28.14 36.64
N ASP A 178 -4.11 -26.97 37.25
CA ASP A 178 -5.39 -26.32 37.49
C ASP A 178 -5.73 -25.26 36.44
N PHE A 179 -5.15 -25.39 35.25
CA PHE A 179 -5.38 -24.38 34.23
C PHE A 179 -6.75 -24.48 33.61
N ALA A 180 -7.47 -23.36 33.61
CA ALA A 180 -8.79 -23.28 32.99
C ALA A 180 -8.84 -22.09 32.04
N CYS A 181 -9.53 -22.27 30.91
CA CYS A 181 -9.78 -21.17 29.99
C CYS A 181 -10.69 -20.17 30.66
N ALA A 182 -11.61 -20.68 31.48
CA ALA A 182 -12.36 -19.87 32.42
C ALA A 182 -11.45 -18.88 33.16
N ASN A 183 -10.24 -19.30 33.51
CA ASN A 183 -9.37 -18.47 34.35
C ASN A 183 -8.25 -17.73 33.62
N ALA A 184 -7.93 -18.17 32.40
CA ALA A 184 -6.83 -17.61 31.61
C ALA A 184 -7.00 -16.10 31.38
N PHE A 185 -8.15 -15.72 30.84
CA PHE A 185 -8.42 -14.33 30.48
C PHE A 185 -9.38 -13.67 31.49
N ASN A 186 -9.70 -14.38 32.58
CA ASN A 186 -10.36 -13.73 33.71
C ASN A 186 -9.33 -13.34 34.77
N ASN A 187 -8.07 -13.74 34.52
CA ASN A 187 -6.88 -13.11 35.13
C ASN A 187 -6.94 -11.61 34.80
N SER A 188 -7.22 -11.32 33.53
CA SER A 188 -7.60 -10.01 33.04
C SER A 188 -9.06 -9.77 33.44
N ILE A 189 -9.71 -8.90 32.68
CA ILE A 189 -11.16 -8.86 32.62
C ILE A 189 -11.51 -8.91 31.11
N ILE A 190 -12.74 -9.31 30.84
CA ILE A 190 -13.25 -9.45 29.48
C ILE A 190 -14.58 -8.69 29.46
N PRO A 191 -15.15 -8.43 28.27
CA PRO A 191 -16.38 -7.61 28.21
C PRO A 191 -17.55 -8.10 29.12
N GLU A 192 -18.65 -7.34 29.11
CA GLU A 192 -19.87 -7.66 29.88
C GLU A 192 -20.61 -8.94 29.46
N ASP A 193 -20.04 -9.69 28.51
CA ASP A 193 -20.82 -10.69 27.75
C ASP A 193 -20.03 -11.86 27.15
N THR A 194 -18.78 -12.07 27.59
CA THR A 194 -17.93 -13.09 26.99
C THR A 194 -18.57 -14.49 27.07
N PHE A 195 -18.64 -15.16 25.93
CA PHE A 195 -19.16 -16.51 25.86
C PHE A 195 -18.11 -17.51 26.35
N PHE A 196 -18.48 -18.29 27.38
CA PHE A 196 -17.63 -19.38 27.93
C PHE A 196 -18.36 -20.72 27.86
N PRO A 197 -18.19 -21.49 26.76
CA PRO A 197 -18.95 -22.73 26.58
C PRO A 197 -18.54 -23.86 27.56
N SER A 198 -19.53 -24.63 28.02
CA SER A 198 -19.35 -25.80 28.95
C SER A 198 -18.75 -25.44 30.34
N ALA B 2 17.85 -6.83 -7.96
CA ALA B 2 16.62 -6.23 -7.35
C ALA B 2 16.94 -5.30 -6.16
N GLY B 3 17.38 -4.08 -6.45
CA GLY B 3 17.50 -3.06 -5.41
C GLY B 3 18.73 -3.25 -4.55
N VAL B 4 18.61 -2.90 -3.27
CA VAL B 4 19.67 -3.10 -2.27
C VAL B 4 19.48 -4.50 -1.77
N THR B 5 20.50 -5.33 -1.91
CA THR B 5 20.35 -6.68 -1.39
C THR B 5 21.45 -7.03 -0.40
N GLN B 6 21.00 -7.51 0.78
CA GLN B 6 21.92 -7.81 1.83
C GLN B 6 21.86 -9.27 2.17
N THR B 7 23.01 -9.82 2.51
CA THR B 7 23.10 -11.20 2.94
C THR B 7 24.01 -11.33 4.18
N PRO B 8 24.04 -12.53 4.74
CA PRO B 8 22.91 -13.37 5.22
C PRO B 8 21.74 -12.60 5.84
N LYS B 9 20.53 -13.15 5.73
CA LYS B 9 19.41 -12.61 6.48
C LYS B 9 19.51 -12.97 7.98
N PHE B 10 20.10 -14.13 8.28
CA PHE B 10 20.20 -14.57 9.65
C PHE B 10 21.59 -15.09 9.91
N ARG B 11 22.17 -14.75 11.05
CA ARG B 11 23.40 -15.42 11.49
C ARG B 11 23.56 -15.46 13.00
N ILE B 12 24.08 -16.57 13.48
CA ILE B 12 24.53 -16.74 14.88
C ILE B 12 26.05 -16.81 14.91
N LEU B 13 26.64 -16.00 15.81
CA LEU B 13 28.10 -16.03 16.04
C LEU B 13 28.37 -16.32 17.51
N LYS B 14 29.40 -17.11 17.75
CA LYS B 14 30.00 -17.21 19.06
C LYS B 14 30.92 -15.98 19.30
N ILE B 15 30.99 -15.55 20.56
CA ILE B 15 31.81 -14.40 20.96
C ILE B 15 33.23 -14.56 20.41
N GLY B 16 33.73 -13.54 19.73
CA GLY B 16 35.06 -13.63 19.22
C GLY B 16 35.17 -13.98 17.76
N GLN B 17 34.14 -14.55 17.15
CA GLN B 17 34.22 -14.91 15.75
C GLN B 17 34.03 -13.67 14.85
N SER B 18 34.38 -13.82 13.58
CA SER B 18 34.16 -12.78 12.57
C SER B 18 33.12 -13.17 11.56
N MET B 19 32.65 -12.17 10.83
CA MET B 19 31.58 -12.29 9.93
C MET B 19 31.67 -11.03 9.07
N THR B 20 31.20 -11.15 7.83
CA THR B 20 31.01 -10.02 6.92
C THR B 20 29.57 -10.02 6.48
N LEU B 21 28.88 -8.91 6.72
CA LEU B 21 27.59 -8.66 6.13
C LEU B 21 27.74 -8.06 4.75
N GLN B 22 27.17 -8.73 3.75
CA GLN B 22 27.21 -8.22 2.41
C GLN B 22 26.05 -7.25 2.17
N CYS B 23 26.32 -6.23 1.38
CA CYS B 23 25.25 -5.42 0.81
C CYS B 23 25.67 -4.99 -0.61
N THR B 24 24.84 -5.33 -1.60
CA THR B 24 25.06 -5.04 -3.02
C THR B 24 23.88 -4.23 -3.56
N GLN B 25 24.21 -3.24 -4.41
CA GLN B 25 23.33 -2.23 -4.89
C GLN B 25 23.71 -2.10 -6.37
N ASP B 26 22.77 -2.29 -7.30
CA ASP B 26 23.09 -2.22 -8.73
C ASP B 26 22.46 -1.02 -9.46
N MET B 27 22.23 0.07 -8.75
CA MET B 27 21.48 1.21 -9.24
C MET B 27 22.44 2.35 -9.48
N ASN B 28 23.71 2.11 -9.24
CA ASN B 28 24.76 3.10 -9.33
C ASN B 28 24.69 4.22 -8.34
N HIS B 29 24.10 3.95 -7.20
CA HIS B 29 24.06 4.97 -6.17
C HIS B 29 25.46 5.13 -5.58
N ASN B 30 25.80 6.38 -5.29
CA ASN B 30 27.07 6.69 -4.66
C ASN B 30 26.99 6.62 -3.17
N TYR B 31 25.89 7.06 -2.57
CA TYR B 31 25.85 7.20 -1.12
C TYR B 31 25.30 5.90 -0.57
N MET B 32 26.05 5.23 0.33
CA MET B 32 25.59 4.00 1.04
C MET B 32 25.86 4.11 2.56
N TYR B 33 25.02 3.44 3.37
CA TYR B 33 24.93 3.51 4.88
C TYR B 33 24.70 2.15 5.55
N TRP B 34 25.34 1.92 6.67
CA TRP B 34 25.00 0.79 7.45
C TRP B 34 24.44 1.30 8.79
N TYR B 35 23.31 0.71 9.17
CA TYR B 35 22.62 0.92 10.44
C TYR B 35 22.46 -0.37 11.23
N ARG B 36 22.35 -0.23 12.55
CA ARG B 36 21.81 -1.27 13.38
C ARG B 36 20.55 -0.74 14.09
N GLN B 37 19.65 -1.64 14.39
CA GLN B 37 18.45 -1.36 15.14
C GLN B 37 18.19 -2.39 16.24
N ASP B 38 18.25 -1.99 17.49
CA ASP B 38 17.80 -2.90 18.54
C ASP B 38 16.27 -2.86 18.67
N PRO B 39 15.65 -3.97 19.21
CA PRO B 39 14.18 -4.19 19.32
C PRO B 39 13.48 -2.94 19.81
N GLY B 40 12.55 -2.42 19.03
CA GLY B 40 11.72 -1.34 19.50
C GLY B 40 12.43 -0.01 19.53
N MET B 41 13.63 0.07 18.91
CA MET B 41 14.41 1.32 18.88
C MET B 41 14.54 1.91 17.48
N GLY B 42 15.25 3.04 17.37
CA GLY B 42 15.49 3.64 16.09
C GLY B 42 16.73 3.06 15.42
N LEU B 43 17.02 3.51 14.19
CA LEU B 43 18.25 3.08 13.50
C LEU B 43 19.42 4.00 13.84
N LYS B 44 20.59 3.41 14.13
CA LYS B 44 21.74 4.14 14.56
C LYS B 44 22.78 3.90 13.46
N LEU B 45 23.40 4.95 12.96
CA LEU B 45 24.38 4.86 11.86
C LEU B 45 25.72 4.27 12.31
N ILE B 46 26.20 3.23 11.63
CA ILE B 46 27.50 2.64 12.00
C ILE B 46 28.67 3.27 11.19
N TYR B 47 28.55 3.15 9.88
CA TYR B 47 29.53 3.64 8.88
C TYR B 47 28.77 4.04 7.67
N TYR B 48 29.31 5.00 6.92
CA TYR B 48 28.71 5.43 5.63
C TYR B 48 29.84 5.69 4.58
N SER B 49 29.46 5.71 3.30
CA SER B 49 30.40 5.90 2.20
C SER B 49 29.72 6.80 1.19
N VAL B 50 30.36 7.91 0.83
CA VAL B 50 29.83 8.82 -0.19
C VAL B 50 30.24 8.45 -1.62
N GLY B 51 30.97 7.36 -1.78
CA GLY B 51 31.38 6.94 -3.09
C GLY B 51 32.43 5.85 -2.98
N ALA B 52 32.70 5.21 -4.11
CA ALA B 52 33.71 4.19 -4.17
C ALA B 52 35.04 4.72 -3.58
N GLY B 53 35.69 3.90 -2.72
CA GLY B 53 36.94 4.23 -2.08
C GLY B 53 36.88 5.22 -0.92
N ILE B 54 35.67 5.59 -0.49
CA ILE B 54 35.53 6.65 0.51
C ILE B 54 34.65 6.13 1.64
N THR B 55 35.12 6.14 2.89
CA THR B 55 34.26 5.66 3.98
C THR B 55 34.46 6.50 5.23
N ASP B 56 33.42 6.66 6.07
CA ASP B 56 33.56 7.45 7.26
C ASP B 56 32.72 6.83 8.36
N LYS B 57 33.22 7.00 9.59
CA LYS B 57 32.50 6.62 10.80
C LYS B 57 31.12 7.26 10.97
N GLY B 58 30.15 6.47 11.47
CA GLY B 58 28.86 7.04 11.76
C GLY B 58 28.74 7.39 13.25
N GLU B 59 27.57 7.16 13.79
CA GLU B 59 27.30 7.44 15.20
C GLU B 59 27.89 6.38 16.11
N VAL B 60 27.88 5.13 15.67
CA VAL B 60 28.34 3.98 16.48
C VAL B 60 29.31 3.00 15.74
N PRO B 61 30.49 3.48 15.32
CA PRO B 61 31.43 2.66 14.51
C PRO B 61 32.25 1.61 15.27
N ASN B 62 32.27 1.67 16.61
CA ASN B 62 33.25 0.85 17.38
C ASN B 62 32.99 -0.64 17.27
N GLY B 63 34.01 -1.42 16.92
CA GLY B 63 33.83 -2.85 16.76
C GLY B 63 33.47 -3.24 15.33
N TYR B 64 33.32 -2.26 14.44
CA TYR B 64 32.94 -2.53 13.06
C TYR B 64 33.99 -1.97 12.12
N ASN B 65 34.03 -2.53 10.92
CA ASN B 65 34.83 -1.96 9.84
C ASN B 65 34.04 -2.10 8.53
N VAL B 66 34.42 -1.32 7.54
CA VAL B 66 33.72 -1.29 6.25
C VAL B 66 34.74 -1.13 5.11
N SER B 67 34.37 -1.50 3.89
CA SER B 67 35.19 -1.14 2.73
C SER B 67 34.27 -0.82 1.57
N ARG B 68 34.75 -0.01 0.66
CA ARG B 68 33.94 0.32 -0.50
C ARG B 68 34.88 0.31 -1.70
N SER B 69 35.38 -0.86 -2.09
CA SER B 69 36.29 -0.91 -3.23
C SER B 69 35.56 -0.66 -4.59
N THR B 70 34.23 -0.76 -4.61
CA THR B 70 33.45 -0.60 -5.82
C THR B 70 32.17 0.11 -5.44
N THR B 71 31.48 0.68 -6.43
CA THR B 71 30.22 1.35 -6.19
C THR B 71 29.14 0.36 -5.74
N GLU B 72 29.13 -0.85 -6.29
CA GLU B 72 28.11 -1.87 -6.03
C GLU B 72 28.13 -2.50 -4.63
N ASP B 73 29.30 -2.61 -3.99
CA ASP B 73 29.35 -3.39 -2.73
C ASP B 73 29.81 -2.57 -1.51
N PHE B 74 29.16 -2.74 -0.37
CA PHE B 74 29.56 -2.01 0.81
C PHE B 74 29.55 -2.97 2.00
N PRO B 75 30.56 -3.87 2.06
CA PRO B 75 30.58 -4.90 3.08
C PRO B 75 30.82 -4.34 4.50
N LEU B 76 30.09 -4.86 5.47
CA LEU B 76 30.32 -4.49 6.88
C LEU B 76 31.00 -5.64 7.56
N ARG B 77 32.19 -5.41 8.07
CA ARG B 77 32.91 -6.45 8.83
C ARG B 77 32.74 -6.34 10.39
N LEU B 78 32.42 -7.47 11.04
CA LEU B 78 32.51 -7.59 12.54
C LEU B 78 33.71 -8.44 12.80
N GLU B 79 34.82 -7.80 13.19
CA GLU B 79 36.10 -8.52 13.30
C GLU B 79 36.16 -9.52 14.47
N LEU B 80 35.50 -9.16 15.56
CA LEU B 80 35.65 -9.91 16.82
C LEU B 80 34.35 -9.72 17.60
N ALA B 81 33.46 -10.72 17.45
CA ALA B 81 32.05 -10.53 17.78
C ALA B 81 31.88 -10.42 19.29
N ALA B 82 31.14 -9.40 19.71
CA ALA B 82 30.80 -9.16 21.12
C ALA B 82 29.28 -9.28 21.31
N PRO B 83 28.83 -9.73 22.48
CA PRO B 83 27.36 -9.78 22.78
C PRO B 83 26.55 -8.48 22.45
N SER B 84 27.16 -7.30 22.62
CA SER B 84 26.49 -5.98 22.28
C SER B 84 26.21 -5.79 20.80
N GLN B 85 26.83 -6.62 19.98
CA GLN B 85 26.59 -6.54 18.53
C GLN B 85 25.37 -7.37 18.06
N THR B 86 24.67 -8.07 18.98
CA THR B 86 23.35 -8.67 18.72
C THR B 86 22.37 -7.56 18.31
N SER B 87 21.87 -7.61 17.08
CA SER B 87 21.07 -6.51 16.56
C SER B 87 20.50 -6.91 15.23
N VAL B 88 19.65 -6.06 14.67
CA VAL B 88 19.35 -6.13 13.22
C VAL B 88 20.06 -5.06 12.45
N TYR B 89 20.69 -5.47 11.35
CA TYR B 89 21.53 -4.56 10.57
C TYR B 89 20.89 -4.31 9.21
N PHE B 90 20.82 -3.04 8.82
CA PHE B 90 20.20 -2.60 7.58
C PHE B 90 21.19 -1.75 6.79
N CYS B 91 21.35 -2.10 5.54
CA CYS B 91 22.11 -1.35 4.62
C CYS B 91 21.15 -0.52 3.74
N ALA B 92 21.56 0.71 3.38
CA ALA B 92 20.73 1.57 2.56
C ALA B 92 21.62 2.34 1.56
N SER B 93 21.08 2.71 0.39
CA SER B 93 21.74 3.70 -0.51
C SER B 93 20.79 4.87 -0.60
N THR B 94 21.29 6.00 -1.04
CA THR B 94 20.41 7.13 -1.35
C THR B 94 20.77 7.58 -2.75
N TYR B 95 19.78 8.17 -3.42
CA TYR B 95 19.97 8.84 -4.65
C TYR B 95 19.02 10.03 -4.65
N HIS B 96 19.54 11.22 -4.85
CA HIS B 96 18.71 12.43 -4.94
C HIS B 96 17.92 12.68 -3.66
N GLY B 97 18.53 12.32 -2.54
CA GLY B 97 17.84 12.47 -1.28
C GLY B 97 16.96 11.31 -0.82
N THR B 98 16.48 10.44 -1.71
CA THR B 98 15.63 9.36 -1.21
C THR B 98 16.44 8.12 -0.86
N GLY B 99 16.08 7.47 0.26
CA GLY B 99 16.74 6.26 0.71
C GLY B 99 16.09 4.96 0.25
N TYR B 100 16.90 3.94 0.00
CA TYR B 100 16.48 2.63 -0.40
C TYR B 100 17.09 1.59 0.58
N PHE B 101 16.30 0.74 1.18
CA PHE B 101 16.85 -0.15 2.22
C PHE B 101 16.85 -1.57 1.84
N GLY B 102 17.92 -2.30 2.21
CA GLY B 102 17.88 -3.75 2.18
C GLY B 102 16.89 -4.35 3.18
N GLU B 103 16.72 -5.67 3.11
CA GLU B 103 15.72 -6.39 3.93
C GLU B 103 16.10 -6.52 5.43
N GLY B 104 17.37 -6.37 5.76
CA GLY B 104 17.84 -6.61 7.14
C GLY B 104 18.58 -7.91 7.31
N SER B 105 19.47 -7.93 8.31
CA SER B 105 20.31 -9.08 8.65
C SER B 105 20.22 -9.18 10.17
N TRP B 106 19.63 -10.27 10.64
CA TRP B 106 19.39 -10.50 12.07
C TRP B 106 20.60 -11.27 12.59
N LEU B 107 21.42 -10.60 13.40
CA LEU B 107 22.61 -11.23 13.94
C LEU B 107 22.51 -11.38 15.46
N THR B 108 22.74 -12.62 15.97
CA THR B 108 22.83 -12.84 17.36
C THR B 108 24.22 -13.39 17.73
N VAL B 109 24.85 -12.73 18.70
CA VAL B 109 26.14 -13.15 19.21
C VAL B 109 25.89 -13.76 20.55
N VAL B 110 26.36 -15.00 20.70
CA VAL B 110 26.20 -15.73 21.98
C VAL B 110 27.49 -16.05 22.70
N GLU B 111 27.47 -16.05 24.03
CA GLU B 111 28.67 -16.50 24.77
C GLU B 111 28.87 -18.02 24.70
N ASP B 112 27.79 -18.78 24.69
CA ASP B 112 27.91 -20.24 24.47
C ASP B 112 26.83 -20.72 23.54
N LEU B 113 27.20 -21.58 22.62
CA LEU B 113 26.28 -22.15 21.63
C LEU B 113 25.18 -22.99 22.28
N ASN B 114 25.38 -23.41 23.52
CA ASN B 114 24.39 -24.28 24.15
C ASN B 114 23.17 -23.49 24.69
N LYS B 115 23.17 -22.17 24.44
CA LYS B 115 21.92 -21.46 24.59
C LYS B 115 21.04 -21.44 23.33
N VAL B 116 21.49 -22.11 22.26
CA VAL B 116 20.73 -22.21 20.97
C VAL B 116 19.86 -23.47 20.91
N PHE B 117 18.56 -23.25 20.62
CA PHE B 117 17.54 -24.30 20.64
C PHE B 117 16.59 -24.20 19.46
N PRO B 118 16.25 -25.33 18.80
CA PRO B 118 15.26 -25.35 17.73
C PRO B 118 13.83 -25.18 18.35
N PRO B 119 12.82 -24.73 17.56
CA PRO B 119 11.46 -24.66 18.10
C PRO B 119 10.86 -26.05 18.22
N GLU B 120 10.00 -26.24 19.22
CA GLU B 120 8.99 -27.25 19.13
C GLU B 120 7.70 -26.63 18.59
N VAL B 121 6.96 -27.36 17.76
CA VAL B 121 5.78 -26.80 17.08
C VAL B 121 4.56 -27.70 17.35
N ALA B 122 3.38 -27.15 17.62
CA ALA B 122 2.17 -27.97 17.84
C ALA B 122 0.98 -27.22 17.27
N VAL B 123 0.01 -27.93 16.69
CA VAL B 123 -1.22 -27.33 16.13
C VAL B 123 -2.40 -27.73 17.02
N PHE B 124 -3.24 -26.72 17.29
CA PHE B 124 -4.43 -26.86 18.14
C PHE B 124 -5.61 -26.65 17.24
N GLU B 125 -6.47 -27.66 17.25
CA GLU B 125 -7.61 -27.76 16.36
C GLU B 125 -8.75 -26.88 16.84
N PRO B 126 -9.54 -26.33 15.86
CA PRO B 126 -10.74 -25.56 16.20
C PRO B 126 -11.71 -26.21 17.22
N SER B 127 -12.29 -25.39 18.08
CA SER B 127 -13.21 -25.93 19.06
C SER B 127 -14.61 -26.09 18.50
N GLU B 128 -15.27 -27.18 18.85
CA GLU B 128 -16.64 -27.40 18.41
C GLU B 128 -17.56 -26.20 18.69
N ALA B 129 -17.36 -25.57 19.85
CA ALA B 129 -18.15 -24.41 20.25
C ALA B 129 -17.94 -23.17 19.38
N GLU B 130 -16.73 -22.93 18.90
CA GLU B 130 -16.51 -21.84 17.95
C GLU B 130 -17.23 -22.09 16.62
N ILE B 131 -17.11 -23.30 16.08
CA ILE B 131 -17.84 -23.70 14.87
C ILE B 131 -19.36 -23.43 14.99
N SER B 132 -20.00 -23.94 16.06
CA SER B 132 -21.41 -23.78 16.29
C SER B 132 -21.86 -22.35 16.39
N HIS B 133 -21.01 -21.50 16.96
CA HIS B 133 -21.39 -20.16 17.39
C HIS B 133 -21.14 -19.09 16.34
N THR B 134 -20.18 -19.37 15.44
CA THR B 134 -19.62 -18.31 14.54
C THR B 134 -19.61 -18.79 13.07
N GLN B 135 -19.73 -20.10 12.85
CA GLN B 135 -19.52 -20.70 11.51
C GLN B 135 -18.10 -20.55 10.96
N LYS B 136 -17.14 -20.28 11.85
CA LYS B 136 -15.73 -20.16 11.52
C LYS B 136 -14.92 -21.09 12.42
N ALA B 137 -13.66 -21.32 12.02
CA ALA B 137 -12.84 -22.34 12.64
C ALA B 137 -11.41 -21.83 12.70
N THR B 138 -10.95 -21.55 13.93
CA THR B 138 -9.57 -21.13 14.16
C THR B 138 -8.59 -22.24 14.56
N LEU B 139 -7.56 -22.42 13.75
CA LEU B 139 -6.43 -23.26 14.11
C LEU B 139 -5.38 -22.42 14.82
N VAL B 140 -4.73 -22.96 15.84
CA VAL B 140 -3.61 -22.27 16.46
C VAL B 140 -2.34 -23.09 16.28
N CYS B 141 -1.27 -22.40 15.94
CA CYS B 141 0.06 -22.99 15.96
C CYS B 141 0.78 -22.35 17.15
N LEU B 142 1.48 -23.18 17.91
CA LEU B 142 2.43 -22.69 18.91
C LEU B 142 3.83 -23.22 18.65
N ALA B 143 4.79 -22.32 18.53
CA ALA B 143 6.23 -22.68 18.44
C ALA B 143 6.89 -22.20 19.72
N THR B 144 7.54 -23.11 20.42
CA THR B 144 7.98 -22.88 21.78
C THR B 144 9.43 -23.31 21.97
N GLY B 145 10.11 -22.66 22.90
CA GLY B 145 11.42 -23.16 23.33
C GLY B 145 12.59 -22.85 22.42
N PHE B 146 12.42 -21.85 21.55
CA PHE B 146 13.48 -21.57 20.62
C PHE B 146 14.33 -20.38 21.08
N PHE B 147 15.61 -20.45 20.68
CA PHE B 147 16.56 -19.37 20.80
C PHE B 147 17.54 -19.39 19.63
N PRO B 148 18.00 -18.19 19.26
CA PRO B 148 17.51 -16.89 18.90
C PRO B 148 16.17 -16.87 18.24
N ASP B 149 15.61 -15.68 18.16
CA ASP B 149 14.33 -15.52 17.53
C ASP B 149 14.61 -15.31 16.05
N HIS B 150 15.20 -16.30 15.39
CA HIS B 150 15.50 -16.27 13.98
C HIS B 150 14.61 -17.37 13.40
N VAL B 151 13.33 -17.04 13.26
CA VAL B 151 12.30 -17.96 12.75
C VAL B 151 11.39 -17.29 11.73
N GLU B 152 10.88 -18.11 10.82
CA GLU B 152 9.81 -17.73 9.87
C GLU B 152 8.68 -18.73 9.99
N LEU B 153 7.50 -18.27 10.39
CA LEU B 153 6.35 -19.15 10.59
C LEU B 153 5.43 -19.03 9.39
N SER B 154 4.95 -20.15 8.84
CA SER B 154 4.02 -20.07 7.70
C SER B 154 2.99 -21.20 7.75
N TRP B 155 1.84 -20.99 7.09
CA TRP B 155 0.78 -21.98 7.04
C TRP B 155 0.67 -22.51 5.61
N TRP B 156 0.47 -23.81 5.52
CA TRP B 156 0.33 -24.49 4.30
C TRP B 156 -0.96 -25.28 4.30
N VAL B 157 -1.80 -25.08 3.28
CA VAL B 157 -3.07 -25.76 3.23
C VAL B 157 -3.07 -26.51 1.94
N ASN B 158 -3.24 -27.83 2.00
CA ASN B 158 -3.25 -28.63 0.79
C ASN B 158 -1.98 -28.38 -0.07
N GLY B 159 -0.87 -28.18 0.63
CA GLY B 159 0.45 -28.14 0.04
C GLY B 159 0.91 -26.75 -0.44
N LYS B 160 0.10 -25.71 -0.22
CA LYS B 160 0.37 -24.36 -0.74
C LYS B 160 0.41 -23.41 0.38
N GLU B 161 1.40 -22.55 0.41
CA GLU B 161 1.42 -21.51 1.39
C GLU B 161 0.19 -20.58 1.28
N VAL B 162 -0.39 -20.23 2.44
CA VAL B 162 -1.61 -19.48 2.55
C VAL B 162 -1.29 -18.15 3.28
N HIS B 163 -1.94 -17.05 2.89
CA HIS B 163 -1.61 -15.74 3.46
C HIS B 163 -2.83 -15.10 4.13
N SER B 164 -3.98 -15.29 3.51
CA SER B 164 -5.23 -14.79 4.04
C SER B 164 -5.69 -15.64 5.21
N GLY B 165 -6.35 -14.97 6.15
CA GLY B 165 -6.90 -15.59 7.34
C GLY B 165 -5.83 -15.89 8.39
N VAL B 166 -4.63 -15.33 8.24
CA VAL B 166 -3.52 -15.71 9.09
C VAL B 166 -3.09 -14.54 9.90
N CYS B 167 -2.84 -14.78 11.17
CA CYS B 167 -2.27 -13.76 12.06
C CYS B 167 -1.12 -14.34 12.89
N THR B 168 0.11 -13.84 12.73
CA THR B 168 1.23 -14.31 13.54
C THR B 168 1.66 -13.21 14.51
N ASP B 169 1.86 -13.55 15.79
CA ASP B 169 2.28 -12.56 16.82
C ASP B 169 3.41 -11.68 16.27
N PRO B 170 3.29 -10.34 16.45
CA PRO B 170 4.40 -9.49 15.95
C PRO B 170 5.72 -9.71 16.71
N GLN B 171 5.61 -9.90 18.03
CA GLN B 171 6.74 -10.11 18.91
C GLN B 171 6.66 -11.49 19.55
N PRO B 172 7.80 -12.19 19.64
CA PRO B 172 7.75 -13.48 20.28
C PRO B 172 7.62 -13.19 21.74
N LEU B 173 7.25 -14.16 22.56
CA LEU B 173 7.35 -13.88 23.96
C LEU B 173 8.40 -14.73 24.69
N LYS B 174 8.94 -14.14 25.75
CA LYS B 174 10.01 -14.74 26.54
C LYS B 174 9.47 -15.67 27.61
N GLU B 175 9.88 -16.93 27.54
CA GLU B 175 9.54 -17.91 28.56
C GLU B 175 10.06 -17.51 29.94
N GLN B 176 11.22 -16.85 29.97
CA GLN B 176 11.82 -16.28 31.19
C GLN B 176 12.16 -14.80 30.99
N PRO B 177 11.22 -13.92 31.33
CA PRO B 177 11.31 -12.51 30.89
C PRO B 177 12.47 -11.70 31.48
N ALA B 178 13.04 -12.15 32.59
CA ALA B 178 14.22 -11.50 33.18
C ALA B 178 15.49 -11.69 32.34
N LEU B 179 15.50 -12.71 31.51
CA LEU B 179 16.76 -13.21 30.92
C LEU B 179 16.93 -12.68 29.54
N ASN B 180 18.16 -12.25 29.24
CA ASN B 180 18.47 -11.67 27.97
C ASN B 180 18.54 -12.72 26.83
N ASP B 181 18.82 -13.98 27.17
CA ASP B 181 18.76 -15.07 26.22
C ASP B 181 17.76 -16.16 26.64
N SER B 182 16.64 -15.74 27.23
CA SER B 182 15.45 -16.56 27.37
C SER B 182 15.04 -17.13 26.01
N ARG B 183 14.73 -18.42 26.02
CA ARG B 183 14.04 -19.04 24.93
C ARG B 183 12.66 -18.37 24.73
N TYR B 184 12.09 -18.46 23.52
CA TYR B 184 10.87 -17.77 23.12
C TYR B 184 9.68 -18.73 22.81
N ALA B 185 8.48 -18.16 22.82
CA ALA B 185 7.22 -18.81 22.38
C ALA B 185 6.56 -17.84 21.42
N LEU B 186 5.97 -18.38 20.37
CA LEU B 186 5.42 -17.60 19.26
C LEU B 186 4.15 -18.35 18.79
N SER B 187 3.02 -17.62 18.71
CA SER B 187 1.78 -18.17 18.21
C SER B 187 1.34 -17.58 16.89
N SER B 188 0.61 -18.43 16.14
CA SER B 188 -0.08 -17.97 14.96
C SER B 188 -1.49 -18.54 14.89
N ARG B 189 -2.38 -17.87 14.17
CA ARG B 189 -3.75 -18.39 13.95
C ARG B 189 -4.00 -18.43 12.50
N LEU B 190 -4.72 -19.47 12.08
CA LEU B 190 -5.29 -19.55 10.76
C LEU B 190 -6.78 -19.76 10.94
N ARG B 191 -7.57 -18.84 10.41
CA ARG B 191 -9.02 -18.95 10.56
C ARG B 191 -9.65 -19.28 9.18
N VAL B 192 -10.55 -20.24 9.14
CA VAL B 192 -11.20 -20.68 7.88
C VAL B 192 -12.70 -20.79 8.14
N SER B 193 -13.53 -20.92 7.11
CA SER B 193 -14.95 -21.16 7.35
C SER B 193 -15.02 -22.54 7.97
N ALA B 194 -16.00 -22.76 8.86
CA ALA B 194 -16.27 -24.10 9.41
C ALA B 194 -16.44 -25.16 8.34
N THR B 195 -17.04 -24.80 7.22
CA THR B 195 -17.17 -25.70 6.11
C THR B 195 -15.84 -26.30 5.61
N PHE B 196 -14.83 -25.44 5.49
CA PHE B 196 -13.50 -25.85 5.02
C PHE B 196 -12.73 -26.77 6.05
N TRP B 197 -12.82 -26.41 7.32
CA TRP B 197 -12.24 -27.21 8.40
C TRP B 197 -12.91 -28.57 8.55
N GLN B 198 -14.24 -28.61 8.41
CA GLN B 198 -14.99 -29.85 8.54
C GLN B 198 -14.90 -30.82 7.34
N ASN B 199 -14.03 -30.53 6.39
CA ASN B 199 -13.72 -31.42 5.29
C ASN B 199 -12.46 -32.28 5.56
N PRO B 200 -12.60 -33.64 5.68
CA PRO B 200 -11.45 -34.54 5.97
C PRO B 200 -10.41 -34.62 4.81
N ARG B 201 -10.73 -34.02 3.66
CA ARG B 201 -9.86 -33.92 2.52
C ARG B 201 -8.87 -32.79 2.65
N ASN B 202 -9.12 -31.89 3.59
CA ASN B 202 -8.25 -30.72 3.79
C ASN B 202 -7.15 -30.96 4.84
N HIS B 203 -5.93 -30.61 4.46
CA HIS B 203 -4.72 -30.86 5.18
C HIS B 203 -4.15 -29.49 5.57
N PHE B 204 -3.83 -29.33 6.84
CA PHE B 204 -3.39 -28.06 7.40
C PHE B 204 -2.03 -28.31 8.03
N ARG B 205 -1.02 -27.48 7.72
CA ARG B 205 0.32 -27.60 8.31
C ARG B 205 0.86 -26.24 8.70
N CYS B 206 1.29 -26.11 9.95
CA CYS B 206 2.04 -24.95 10.40
C CYS B 206 3.55 -25.23 10.28
N GLN B 207 4.29 -24.34 9.64
CA GLN B 207 5.70 -24.62 9.47
C GLN B 207 6.52 -23.55 10.14
N VAL B 208 7.51 -23.95 10.93
CA VAL B 208 8.48 -22.96 11.42
C VAL B 208 9.86 -23.26 10.85
N GLN B 209 10.31 -22.42 9.97
CA GLN B 209 11.72 -22.40 9.54
C GLN B 209 12.62 -21.74 10.59
N PHE B 210 13.52 -22.51 11.17
CA PHE B 210 14.44 -21.97 12.18
C PHE B 210 15.79 -21.79 11.56
N TYR B 211 16.43 -20.65 11.83
CA TYR B 211 17.81 -20.45 11.35
C TYR B 211 18.75 -20.60 12.54
N GLY B 212 19.56 -21.67 12.49
CA GLY B 212 20.34 -22.12 13.62
C GLY B 212 21.84 -22.07 13.37
N LEU B 213 22.55 -23.05 13.93
CA LEU B 213 23.99 -23.12 13.76
C LEU B 213 24.36 -23.70 12.39
N SER B 214 25.61 -23.51 12.00
CA SER B 214 26.15 -24.00 10.73
C SER B 214 27.27 -25.00 11.01
N GLU B 215 27.93 -25.49 9.96
CA GLU B 215 29.12 -26.32 10.14
C GLU B 215 30.39 -25.47 10.12
N ASN B 216 30.24 -24.22 10.58
CA ASN B 216 31.37 -23.42 11.02
C ASN B 216 31.42 -23.51 12.54
N ASP B 217 30.37 -24.13 13.09
CA ASP B 217 30.16 -24.22 14.53
C ASP B 217 30.53 -25.60 15.01
N GLU B 218 31.15 -25.66 16.19
CA GLU B 218 31.63 -26.88 16.75
C GLU B 218 30.71 -27.19 17.91
N TRP B 219 30.16 -28.38 17.92
CA TRP B 219 29.14 -28.72 18.89
C TRP B 219 29.68 -29.79 19.87
N THR B 220 29.54 -29.49 21.16
CA THR B 220 29.92 -30.40 22.25
C THR B 220 28.77 -31.14 22.95
N GLN B 221 27.55 -30.58 22.91
CA GLN B 221 26.45 -31.05 23.78
C GLN B 221 25.92 -32.44 23.40
N ASP B 222 25.23 -33.05 24.34
CA ASP B 222 24.69 -34.36 24.13
C ASP B 222 23.26 -34.29 23.50
N ARG B 223 22.88 -33.15 22.96
CA ARG B 223 21.60 -33.07 22.23
C ARG B 223 21.93 -32.84 20.78
N ALA B 224 20.94 -32.89 19.90
CA ALA B 224 21.17 -32.66 18.50
C ALA B 224 21.64 -31.23 18.37
N LYS B 225 22.67 -31.02 17.55
CA LYS B 225 23.11 -29.69 17.13
C LYS B 225 21.95 -28.92 16.52
N PRO B 226 21.62 -27.76 17.12
CA PRO B 226 20.46 -27.00 16.62
C PRO B 226 20.79 -26.24 15.34
N VAL B 227 20.91 -26.99 14.25
CA VAL B 227 21.12 -26.44 12.89
C VAL B 227 19.90 -25.82 12.24
N THR B 228 20.11 -25.07 11.17
CA THR B 228 19.02 -24.48 10.43
C THR B 228 18.12 -25.64 10.02
N GLN B 229 16.80 -25.45 10.07
CA GLN B 229 15.86 -26.59 9.93
C GLN B 229 14.39 -26.15 9.94
N ILE B 230 13.52 -27.05 9.49
CA ILE B 230 12.09 -26.77 9.46
C ILE B 230 11.46 -27.74 10.46
N VAL B 231 10.63 -27.22 11.38
CA VAL B 231 9.88 -28.04 12.33
C VAL B 231 8.42 -27.73 11.97
N SER B 232 7.59 -28.74 11.76
CA SER B 232 6.21 -28.52 11.35
C SER B 232 5.27 -29.26 12.29
N ALA B 233 4.01 -28.86 12.24
CA ALA B 233 2.96 -29.67 12.87
C ALA B 233 1.74 -29.66 11.93
N GLU B 234 0.99 -30.75 11.90
CA GLU B 234 -0.14 -30.80 10.97
C GLU B 234 -1.44 -31.27 11.56
N ALA B 235 -2.54 -30.98 10.85
CA ALA B 235 -3.86 -31.43 11.22
C ALA B 235 -4.64 -31.65 9.95
N TRP B 236 -5.50 -32.64 9.97
CA TRP B 236 -6.43 -32.91 8.90
C TRP B 236 -7.76 -32.31 9.29
N GLY B 237 -8.50 -31.82 8.31
CA GLY B 237 -9.84 -31.37 8.60
C GLY B 237 -10.65 -32.54 9.22
N ARG B 238 -11.64 -32.18 10.00
CA ARG B 238 -12.32 -33.13 10.86
C ARG B 238 -13.79 -32.97 10.67
N ALA B 239 -14.40 -34.00 10.11
CA ALA B 239 -15.86 -34.08 10.04
C ALA B 239 -16.45 -34.14 11.48
N ASP B 240 -16.31 -35.29 12.14
CA ASP B 240 -16.83 -35.53 13.51
C ASP B 240 -16.82 -34.30 14.41
N ILE C 1 -16.27 37.18 -14.04
CA ILE C 1 -17.03 36.09 -14.72
C ILE C 1 -16.28 34.79 -14.71
N GLN C 2 -15.05 34.84 -15.21
CA GLN C 2 -14.37 33.65 -15.66
C GLN C 2 -12.85 33.57 -15.49
N VAL C 3 -12.37 32.37 -15.74
CA VAL C 3 -11.05 31.91 -15.36
C VAL C 3 -10.73 30.98 -16.50
N GLU C 4 -9.58 31.22 -17.15
CA GLU C 4 -9.20 30.51 -18.36
C GLU C 4 -7.75 30.05 -18.19
N GLN C 5 -7.50 28.75 -18.29
CA GLN C 5 -6.13 28.24 -18.16
C GLN C 5 -5.49 27.86 -19.52
N SER C 6 -4.18 28.10 -19.59
CA SER C 6 -3.36 27.75 -20.78
C SER C 6 -2.13 26.90 -20.41
N PRO C 7 -1.60 26.21 -21.42
CA PRO C 7 -1.76 24.90 -21.98
C PRO C 7 -2.91 24.11 -21.41
N PRO C 8 -3.95 23.82 -22.22
CA PRO C 8 -4.92 22.78 -21.77
C PRO C 8 -4.25 21.39 -21.52
N ASP C 9 -3.19 21.09 -22.27
CA ASP C 9 -2.37 19.87 -22.15
C ASP C 9 -0.89 20.21 -22.32
N LEU C 10 -0.06 19.67 -21.45
CA LEU C 10 1.38 19.89 -21.46
C LEU C 10 2.09 18.57 -21.27
N ILE C 11 2.90 18.14 -22.26
CA ILE C 11 3.67 16.94 -22.13
C ILE C 11 5.17 17.22 -22.22
N LEU C 12 5.89 16.96 -21.11
CA LEU C 12 7.31 17.27 -20.92
C LEU C 12 8.08 16.09 -20.31
N GLN C 13 9.42 16.12 -20.44
CA GLN C 13 10.27 15.06 -19.89
C GLN C 13 10.64 15.43 -18.47
N GLU C 14 10.90 14.42 -17.65
CA GLU C 14 11.37 14.64 -16.30
C GLU C 14 12.52 15.60 -16.29
N GLY C 15 12.50 16.48 -15.29
CA GLY C 15 13.58 17.46 -15.13
C GLY C 15 13.25 18.78 -15.83
N ALA C 16 12.30 18.78 -16.78
CA ALA C 16 11.87 20.02 -17.43
C ALA C 16 11.18 20.95 -16.43
N ASN C 17 11.34 22.26 -16.63
CA ASN C 17 10.53 23.18 -15.83
C ASN C 17 9.18 23.43 -16.51
N SER C 18 8.10 23.45 -15.74
CA SER C 18 6.77 23.63 -16.30
C SER C 18 6.26 25.05 -15.89
N THR C 19 5.69 25.83 -16.81
CA THR C 19 4.96 27.03 -16.42
C THR C 19 3.47 26.99 -16.82
N LEU C 20 2.56 27.14 -15.86
CA LEU C 20 1.13 27.04 -16.17
C LEU C 20 0.52 28.44 -15.97
N ARG C 21 -0.47 28.80 -16.77
CA ARG C 21 -1.02 30.13 -16.70
C ARG C 21 -2.54 30.10 -16.44
N CYS C 22 -2.99 31.10 -15.70
CA CYS C 22 -4.37 31.29 -15.47
C CYS C 22 -4.64 32.75 -15.80
N ASN C 23 -5.53 32.95 -16.76
CA ASN C 23 -6.07 34.27 -17.03
C ASN C 23 -7.50 34.37 -16.49
N PHE C 24 -7.80 35.49 -15.86
CA PHE C 24 -9.11 35.70 -15.24
C PHE C 24 -9.70 37.07 -15.53
N SER C 25 -10.99 37.24 -15.24
CA SER C 25 -11.68 38.51 -15.49
C SER C 25 -11.56 39.45 -14.29
N ASP C 26 -11.98 40.69 -14.46
CA ASP C 26 -11.84 41.69 -13.40
C ASP C 26 -12.80 41.45 -12.23
N SER C 27 -13.78 40.59 -12.45
CA SER C 27 -14.74 40.38 -11.39
C SER C 27 -14.44 39.12 -10.59
N VAL C 28 -13.18 38.70 -10.54
CA VAL C 28 -12.79 37.56 -9.68
C VAL C 28 -11.58 37.91 -8.81
N ASN C 29 -11.45 37.23 -7.68
CA ASN C 29 -10.29 37.40 -6.78
C ASN C 29 -10.14 36.21 -5.85
N ASN C 30 -9.17 36.31 -4.93
CA ASN C 30 -8.87 35.19 -4.00
C ASN C 30 -8.52 33.91 -4.73
N LEU C 31 -7.66 34.04 -5.70
CA LEU C 31 -7.22 32.95 -6.55
C LEU C 31 -6.59 31.76 -5.79
N GLN C 32 -6.89 30.53 -6.22
CA GLN C 32 -6.25 29.32 -5.68
C GLN C 32 -5.71 28.45 -6.83
N TRP C 33 -4.68 27.64 -6.53
CA TRP C 33 -4.29 26.51 -7.40
C TRP C 33 -4.51 25.14 -6.69
N PHE C 34 -4.95 24.17 -7.49
CA PHE C 34 -5.21 22.76 -7.07
C PHE C 34 -4.46 21.78 -7.96
N HIS C 35 -4.10 20.65 -7.38
CA HIS C 35 -3.61 19.46 -8.13
C HIS C 35 -4.69 18.38 -7.98
N GLN C 36 -5.15 17.87 -9.10
CA GLN C 36 -5.99 16.69 -9.03
C GLN C 36 -5.14 15.50 -9.46
N ASN C 37 -4.98 14.56 -8.54
CA ASN C 37 -4.24 13.35 -8.80
C ASN C 37 -5.04 12.36 -9.68
N PRO C 38 -4.35 11.37 -10.30
CA PRO C 38 -4.93 10.23 -11.04
C PRO C 38 -6.20 9.61 -10.46
N TRP C 39 -6.34 9.64 -9.14
CA TRP C 39 -7.50 9.05 -8.49
C TRP C 39 -8.68 10.02 -8.40
N GLY C 40 -8.47 11.27 -8.86
CA GLY C 40 -9.52 12.27 -8.85
C GLY C 40 -9.52 13.20 -7.67
N GLN C 41 -8.55 13.05 -6.76
CA GLN C 41 -8.53 13.77 -5.51
C GLN C 41 -7.90 15.15 -5.72
N LEU C 42 -8.65 16.21 -5.42
CA LEU C 42 -8.10 17.59 -5.49
C LEU C 42 -7.46 17.93 -4.17
N ILE C 43 -6.31 18.57 -4.28
CA ILE C 43 -5.56 19.08 -3.15
C ILE C 43 -5.11 20.49 -3.49
N ASN C 44 -5.34 21.41 -2.57
CA ASN C 44 -4.85 22.80 -2.72
C ASN C 44 -3.31 22.91 -2.71
N LEU C 45 -2.77 23.64 -3.68
CA LEU C 45 -1.33 23.88 -3.80
C LEU C 45 -0.98 25.26 -3.24
N PHE C 46 -1.80 26.26 -3.58
CA PHE C 46 -1.63 27.66 -3.14
C PHE C 46 -2.97 28.35 -2.99
N TYR C 47 -3.06 29.20 -1.96
CA TYR C 47 -4.01 30.32 -1.92
C TYR C 47 -3.13 31.53 -2.21
N ILE C 48 -3.37 32.16 -3.35
CA ILE C 48 -2.47 33.16 -3.87
C ILE C 48 -3.20 34.40 -4.45
N PRO C 49 -3.82 35.20 -3.57
CA PRO C 49 -4.60 36.31 -4.04
C PRO C 49 -3.69 37.40 -4.68
N SER C 50 -2.44 37.48 -4.23
CA SER C 50 -1.44 38.41 -4.79
C SER C 50 -0.01 37.97 -4.44
N GLY C 51 0.99 38.63 -5.04
CA GLY C 51 2.40 38.31 -4.75
C GLY C 51 2.87 36.95 -5.22
N THR C 52 3.87 36.41 -4.51
CA THR C 52 4.49 35.13 -4.83
C THR C 52 4.58 34.27 -3.58
N LYS C 53 4.44 32.96 -3.76
CA LYS C 53 4.61 31.95 -2.71
C LYS C 53 5.39 30.74 -3.25
N GLN C 54 6.08 30.05 -2.36
CA GLN C 54 6.89 28.87 -2.69
C GLN C 54 6.27 27.72 -1.96
N ASN C 55 6.23 26.55 -2.59
CA ASN C 55 5.82 25.32 -1.92
C ASN C 55 6.71 24.23 -2.51
N GLY C 56 7.90 24.08 -1.94
CA GLY C 56 8.89 23.13 -2.47
C GLY C 56 9.37 23.53 -3.85
N ARG C 57 9.35 22.57 -4.79
CA ARG C 57 9.67 22.79 -6.21
C ARG C 57 8.62 23.65 -7.01
N LEU C 58 7.52 24.01 -6.35
CA LEU C 58 6.43 24.76 -6.99
C LEU C 58 6.44 26.17 -6.46
N SER C 59 6.18 27.13 -7.34
CA SER C 59 5.98 28.50 -6.89
C SER C 59 4.82 29.08 -7.71
N ALA C 60 4.15 30.10 -7.19
CA ALA C 60 3.03 30.73 -7.88
C ALA C 60 3.12 32.24 -7.68
N THR C 61 2.69 32.99 -8.69
CA THR C 61 2.71 34.46 -8.73
C THR C 61 1.36 34.89 -9.28
N THR C 62 0.70 35.82 -8.56
CA THR C 62 -0.53 36.43 -9.01
C THR C 62 -0.32 37.92 -9.05
N VAL C 63 -0.50 38.46 -10.25
CA VAL C 63 -0.44 39.88 -10.56
C VAL C 63 -1.84 40.26 -10.94
N ALA C 64 -2.66 40.61 -9.94
CA ALA C 64 -4.10 40.88 -10.22
C ALA C 64 -4.32 42.10 -11.13
N THR C 65 -3.40 43.05 -11.05
CA THR C 65 -3.41 44.21 -11.92
C THR C 65 -3.45 43.80 -13.39
N GLU C 66 -2.85 42.66 -13.70
CA GLU C 66 -2.70 42.25 -15.08
C GLU C 66 -3.51 41.00 -15.43
N ARG C 67 -4.40 40.65 -14.49
CA ARG C 67 -5.38 39.57 -14.62
C ARG C 67 -4.83 38.16 -14.89
N TYR C 68 -3.61 37.89 -14.42
CA TYR C 68 -3.05 36.55 -14.52
C TYR C 68 -2.46 35.99 -13.22
N SER C 69 -2.43 34.66 -13.13
CA SER C 69 -1.63 33.91 -12.17
C SER C 69 -0.77 32.82 -12.88
N LEU C 70 0.46 32.64 -12.43
CA LEU C 70 1.38 31.68 -13.02
C LEU C 70 1.71 30.60 -11.96
N LEU C 71 1.73 29.34 -12.35
CA LEU C 71 2.21 28.31 -11.47
C LEU C 71 3.46 27.79 -12.15
N TYR C 72 4.55 27.62 -11.40
CA TYR C 72 5.83 27.24 -12.04
C TYR C 72 6.32 25.96 -11.36
N ILE C 73 6.64 24.93 -12.14
CA ILE C 73 7.11 23.66 -11.53
C ILE C 73 8.59 23.50 -11.88
N SER C 74 9.46 23.53 -10.86
CA SER C 74 10.88 23.34 -11.07
C SER C 74 11.24 21.87 -11.17
N SER C 75 12.12 21.56 -12.10
CA SER C 75 12.64 20.21 -12.22
C SER C 75 11.52 19.18 -12.01
N SER C 76 10.64 19.07 -13.01
CA SER C 76 9.42 18.25 -12.93
C SER C 76 9.74 16.76 -12.71
N GLN C 77 8.85 16.06 -11.99
CA GLN C 77 8.97 14.63 -11.78
C GLN C 77 7.70 13.93 -12.29
N THR C 78 7.78 12.63 -12.60
CA THR C 78 6.63 11.88 -13.12
C THR C 78 5.43 11.96 -12.15
N THR C 79 5.72 12.06 -10.85
CA THR C 79 4.66 12.12 -9.85
C THR C 79 3.97 13.46 -9.88
N ASP C 80 4.55 14.44 -10.59
CA ASP C 80 3.87 15.73 -10.84
C ASP C 80 2.72 15.63 -11.84
N SER C 81 2.69 14.55 -12.64
CA SER C 81 1.61 14.33 -13.62
C SER C 81 0.20 14.45 -12.96
N GLY C 82 -0.80 14.93 -13.68
CA GLY C 82 -2.08 15.26 -13.04
C GLY C 82 -2.79 16.34 -13.79
N VAL C 83 -3.88 16.84 -13.22
CA VAL C 83 -4.55 18.01 -13.74
C VAL C 83 -4.24 19.13 -12.74
N TYR C 84 -3.89 20.30 -13.26
CA TYR C 84 -3.69 21.50 -12.43
C TYR C 84 -4.83 22.45 -12.70
N PHE C 85 -5.47 22.91 -11.63
CA PHE C 85 -6.62 23.79 -11.70
C PHE C 85 -6.34 25.11 -11.02
N CYS C 86 -6.82 26.18 -11.65
CA CYS C 86 -6.90 27.50 -11.11
C CYS C 86 -8.36 27.75 -10.72
N ALA C 87 -8.62 28.37 -9.56
CA ALA C 87 -9.98 28.66 -9.19
C ALA C 87 -10.01 30.04 -8.57
N ALA C 88 -11.13 30.73 -8.68
CA ALA C 88 -11.26 32.06 -8.13
C ALA C 88 -12.68 32.34 -7.67
N LEU C 89 -12.83 33.29 -6.74
CA LEU C 89 -14.15 33.70 -6.25
C LEU C 89 -14.78 34.80 -7.08
N ILE C 90 -15.99 34.63 -7.55
CA ILE C 90 -16.66 35.72 -8.22
C ILE C 90 -16.87 36.90 -7.24
N GLN C 91 -16.19 38.02 -7.51
CA GLN C 91 -16.24 39.23 -6.70
C GLN C 91 -17.66 39.52 -6.28
N GLY C 92 -17.83 39.79 -4.98
CA GLY C 92 -19.09 40.26 -4.40
C GLY C 92 -19.81 39.18 -3.64
N ALA C 93 -19.25 37.97 -3.71
CA ALA C 93 -19.91 36.76 -3.21
C ALA C 93 -18.84 35.70 -3.09
N GLN C 94 -19.24 34.55 -2.59
CA GLN C 94 -18.33 33.46 -2.36
C GLN C 94 -18.58 32.35 -3.36
N LYS C 95 -18.81 32.72 -4.61
CA LYS C 95 -19.02 31.71 -5.64
C LYS C 95 -17.63 31.28 -6.22
N LEU C 96 -17.20 30.04 -5.97
CA LEU C 96 -15.85 29.58 -6.35
C LEU C 96 -15.94 28.82 -7.67
N VAL C 97 -15.35 29.42 -8.68
CA VAL C 97 -15.42 28.86 -10.04
C VAL C 97 -14.04 28.43 -10.44
N PHE C 98 -14.01 27.35 -11.20
CA PHE C 98 -12.77 26.75 -11.66
C PHE C 98 -12.43 27.01 -13.12
N GLY C 99 -11.15 27.00 -13.44
CA GLY C 99 -10.70 26.82 -14.85
C GLY C 99 -10.95 25.44 -15.44
N GLN C 100 -10.67 25.27 -16.74
CA GLN C 100 -10.92 24.01 -17.38
C GLN C 100 -9.78 23.05 -17.06
N GLY C 101 -8.69 23.57 -16.49
CA GLY C 101 -7.55 22.71 -16.11
C GLY C 101 -6.43 22.60 -17.13
N THR C 102 -5.25 22.21 -16.65
CA THR C 102 -4.13 21.88 -17.48
C THR C 102 -3.80 20.44 -17.19
N ARG C 103 -3.87 19.60 -18.21
CA ARG C 103 -3.37 18.23 -18.07
C ARG C 103 -1.88 18.17 -18.22
N LEU C 104 -1.19 17.88 -17.11
CA LEU C 104 0.26 17.73 -17.15
C LEU C 104 0.73 16.29 -17.21
N THR C 105 1.54 15.93 -18.22
CA THR C 105 2.16 14.61 -18.18
C THR C 105 3.66 14.80 -18.14
N ILE C 106 4.32 14.23 -17.13
CA ILE C 106 5.76 14.25 -17.10
C ILE C 106 6.27 12.85 -17.41
N ASN C 107 6.98 12.72 -18.54
CA ASN C 107 7.47 11.43 -19.02
C ASN C 107 8.79 11.07 -18.38
N PRO C 108 8.97 9.78 -18.07
CA PRO C 108 10.30 9.36 -17.58
C PRO C 108 11.35 9.47 -18.72
N ASN C 109 12.59 9.78 -18.34
CA ASN C 109 13.72 9.59 -19.23
C ASN C 109 14.20 8.16 -19.15
N ILE C 110 14.09 7.43 -20.25
CA ILE C 110 14.43 6.02 -20.26
C ILE C 110 15.90 5.94 -20.62
N GLN C 111 16.72 5.58 -19.68
CA GLN C 111 18.17 5.68 -19.85
C GLN C 111 18.76 4.46 -20.57
N ASN C 112 18.12 3.29 -20.45
CA ASN C 112 18.56 2.12 -21.21
C ASN C 112 17.44 1.46 -22.00
N PRO C 113 17.00 2.11 -23.11
CA PRO C 113 15.88 1.50 -23.83
C PRO C 113 16.23 0.12 -24.38
N ASP C 114 15.27 -0.78 -24.26
CA ASP C 114 15.40 -2.11 -24.79
C ASP C 114 14.09 -2.55 -25.49
N PRO C 115 13.62 -1.81 -26.53
CA PRO C 115 12.28 -2.19 -27.02
C PRO C 115 12.09 -3.66 -27.48
N ALA C 116 10.97 -4.25 -27.03
CA ALA C 116 10.69 -5.63 -27.31
C ALA C 116 9.20 -5.93 -27.31
N VAL C 117 8.79 -6.88 -28.17
CA VAL C 117 7.41 -7.38 -28.10
C VAL C 117 7.44 -8.87 -27.64
N TYR C 118 6.88 -9.13 -26.46
CA TYR C 118 6.79 -10.46 -25.85
C TYR C 118 5.38 -11.05 -25.93
N GLN C 119 5.30 -12.38 -26.08
CA GLN C 119 4.02 -13.11 -25.98
C GLN C 119 3.88 -13.68 -24.58
N LEU C 120 2.84 -13.28 -23.86
CA LEU C 120 2.60 -13.82 -22.54
C LEU C 120 1.74 -15.03 -22.79
N ARG C 121 1.37 -15.81 -21.76
CA ARG C 121 0.28 -16.79 -21.93
C ARG C 121 -0.64 -16.82 -20.73
N ASP C 122 -1.89 -17.25 -20.91
CA ASP C 122 -2.86 -17.31 -19.80
C ASP C 122 -2.37 -18.24 -18.67
N SER C 123 -2.38 -17.75 -17.41
CA SER C 123 -2.16 -18.61 -16.21
C SER C 123 -3.09 -19.84 -16.28
N LYS C 124 -4.26 -19.65 -16.87
CA LYS C 124 -5.22 -20.68 -17.16
C LYS C 124 -5.63 -20.58 -18.64
N LYS C 128 -7.98 -15.89 -27.23
CA LYS C 128 -7.32 -14.67 -26.71
C LYS C 128 -5.80 -14.82 -26.37
N SER C 129 -4.99 -14.39 -27.31
CA SER C 129 -3.57 -14.22 -27.09
C SER C 129 -3.26 -12.78 -26.67
N VAL C 130 -2.26 -12.60 -25.79
CA VAL C 130 -1.76 -11.26 -25.30
C VAL C 130 -0.31 -10.96 -25.65
N CYS C 131 -0.06 -9.80 -26.27
CA CYS C 131 1.28 -9.29 -26.63
C CYS C 131 1.67 -8.04 -25.83
N LEU C 132 2.88 -8.03 -25.31
CA LEU C 132 3.39 -6.90 -24.54
C LEU C 132 4.55 -6.23 -25.29
N PHE C 133 4.35 -4.97 -25.67
CA PHE C 133 5.41 -4.08 -26.17
C PHE C 133 5.95 -3.31 -24.97
N THR C 134 7.24 -3.45 -24.65
CA THR C 134 7.77 -2.84 -23.39
C THR C 134 9.18 -2.32 -23.65
N ASP C 135 9.62 -1.37 -22.80
CA ASP C 135 11.00 -0.92 -22.69
C ASP C 135 11.48 0.04 -23.79
N PHE C 136 10.52 0.71 -24.42
CA PHE C 136 10.79 1.66 -25.45
C PHE C 136 10.90 3.01 -24.78
N ASP C 137 11.51 3.98 -25.47
CA ASP C 137 11.73 5.27 -24.82
C ASP C 137 10.56 6.20 -25.07
N SER C 138 10.59 7.39 -24.47
CA SER C 138 9.38 8.24 -24.49
C SER C 138 9.13 8.88 -25.88
N GLN C 139 10.04 8.58 -26.81
CA GLN C 139 9.85 8.97 -28.19
C GLN C 139 8.68 8.24 -28.79
N THR C 140 8.63 6.90 -28.61
CA THR C 140 7.65 6.00 -29.22
C THR C 140 6.20 6.26 -28.79
N ASN C 141 5.30 6.38 -29.76
CA ASN C 141 3.89 6.36 -29.43
C ASN C 141 3.21 5.11 -29.97
N VAL C 142 2.22 4.67 -29.22
CA VAL C 142 1.54 3.45 -29.58
C VAL C 142 0.24 3.86 -30.24
N SER C 143 0.04 3.45 -31.49
CA SER C 143 -1.23 3.73 -32.15
C SER C 143 -2.35 2.74 -31.77
N GLN C 144 -3.57 3.24 -31.87
CA GLN C 144 -4.70 2.41 -31.60
C GLN C 144 -4.95 1.44 -32.75
N SER C 145 -5.68 0.39 -32.43
CA SER C 145 -5.93 -0.66 -33.36
C SER C 145 -6.81 -0.14 -34.47
N LYS C 146 -6.46 -0.50 -35.70
CA LYS C 146 -7.34 -0.25 -36.82
C LYS C 146 -8.23 -1.47 -37.18
N ASP C 147 -8.26 -2.47 -36.29
CA ASP C 147 -9.13 -3.64 -36.42
C ASP C 147 -10.09 -3.79 -35.23
N SER C 148 -11.37 -3.97 -35.52
CA SER C 148 -12.44 -4.04 -34.50
C SER C 148 -12.25 -5.09 -33.37
N ASP C 149 -11.64 -6.22 -33.71
CA ASP C 149 -11.37 -7.16 -32.64
C ASP C 149 -9.90 -7.42 -32.35
N VAL C 150 -9.06 -6.41 -32.63
CA VAL C 150 -7.73 -6.31 -31.97
C VAL C 150 -7.79 -5.13 -30.98
N TYR C 151 -7.40 -5.35 -29.73
CA TYR C 151 -7.43 -4.31 -28.70
C TYR C 151 -6.03 -3.94 -28.34
N ILE C 152 -5.74 -2.65 -28.41
CA ILE C 152 -4.39 -2.12 -28.13
C ILE C 152 -4.54 -0.98 -27.10
N THR C 153 -3.83 -1.07 -25.99
CA THR C 153 -3.91 -0.03 -24.96
C THR C 153 -2.93 1.10 -25.30
N ASP C 154 -3.13 2.26 -24.68
CA ASP C 154 -2.09 3.28 -24.77
C ASP C 154 -0.92 2.84 -23.88
N LYS C 155 0.24 3.47 -24.08
CA LYS C 155 1.41 3.21 -23.21
C LYS C 155 1.16 3.72 -21.83
N CYS C 156 1.70 2.97 -20.87
CA CYS C 156 1.69 3.43 -19.52
C CYS C 156 3.01 3.20 -18.80
N VAL C 157 3.29 4.09 -17.84
CA VAL C 157 4.57 4.13 -17.09
C VAL C 157 4.46 3.33 -15.80
N LEU C 158 5.34 2.36 -15.63
CA LEU C 158 5.40 1.60 -14.41
C LEU C 158 6.71 1.89 -13.69
N ASP C 159 6.64 1.99 -12.36
CA ASP C 159 7.78 2.40 -11.52
C ASP C 159 8.03 1.30 -10.52
N MET C 160 9.10 0.54 -10.74
CA MET C 160 9.57 -0.44 -9.78
C MET C 160 10.47 0.34 -8.76
N ARG C 161 9.84 0.84 -7.73
CA ARG C 161 10.35 1.91 -6.92
C ARG C 161 11.53 1.47 -6.08
N SER C 162 11.61 0.18 -5.77
CA SER C 162 12.71 -0.44 -5.04
C SER C 162 14.01 -0.55 -5.87
N MET C 163 13.87 -0.69 -7.18
CA MET C 163 14.95 -0.81 -8.09
C MET C 163 15.25 0.54 -8.67
N ASP C 164 14.43 1.54 -8.33
CA ASP C 164 14.43 2.85 -8.98
C ASP C 164 14.45 2.73 -10.50
N PHE C 165 13.46 2.04 -11.07
CA PHE C 165 13.50 1.67 -12.48
C PHE C 165 12.10 1.95 -13.08
N LYS C 166 12.01 2.78 -14.09
CA LYS C 166 10.71 3.09 -14.77
C LYS C 166 10.72 2.51 -16.19
N SER C 167 9.58 1.95 -16.62
CA SER C 167 9.48 1.48 -17.97
C SER C 167 8.14 1.82 -18.57
N ASN C 168 8.10 1.93 -19.89
CA ASN C 168 6.85 2.14 -20.63
C ASN C 168 6.35 0.76 -21.13
N SER C 169 5.05 0.52 -21.17
CA SER C 169 4.57 -0.60 -21.95
C SER C 169 3.18 -0.38 -22.54
N ALA C 170 2.82 -1.26 -23.47
CA ALA C 170 1.49 -1.27 -24.03
C ALA C 170 1.10 -2.75 -24.21
N VAL C 171 -0.19 -3.02 -24.07
CA VAL C 171 -0.71 -4.38 -24.26
C VAL C 171 -1.57 -4.44 -25.54
N ALA C 172 -1.44 -5.56 -26.30
CA ALA C 172 -2.36 -5.81 -27.39
C ALA C 172 -2.93 -7.24 -27.25
N TRP C 173 -4.19 -7.45 -27.59
CA TRP C 173 -4.75 -8.84 -27.57
C TRP C 173 -5.92 -9.02 -28.54
N SER C 174 -6.23 -10.27 -28.87
CA SER C 174 -7.25 -10.53 -29.85
C SER C 174 -7.50 -12.02 -29.86
N ASN C 175 -8.66 -12.46 -30.29
CA ASN C 175 -8.79 -13.90 -30.52
C ASN C 175 -8.71 -14.26 -32.01
N LYS C 176 -8.38 -13.27 -32.85
CA LYS C 176 -8.19 -13.49 -34.29
C LYS C 176 -7.08 -14.49 -34.52
N SER C 177 -7.32 -15.48 -35.38
CA SER C 177 -6.36 -16.56 -35.54
C SER C 177 -5.04 -16.07 -36.25
N ASP C 178 -5.13 -15.05 -37.10
CA ASP C 178 -3.94 -14.46 -37.73
C ASP C 178 -3.28 -13.31 -36.90
N PHE C 179 -3.75 -13.07 -35.69
CA PHE C 179 -3.10 -12.12 -34.78
C PHE C 179 -1.87 -12.77 -34.19
N ALA C 180 -0.76 -12.03 -34.15
CA ALA C 180 0.44 -12.51 -33.51
C ALA C 180 1.31 -11.35 -33.10
N CYS C 181 2.24 -11.62 -32.17
CA CYS C 181 3.12 -10.63 -31.57
C CYS C 181 3.96 -9.88 -32.61
N ALA C 182 4.42 -10.60 -33.62
CA ALA C 182 5.10 -9.95 -34.70
C ALA C 182 4.24 -8.95 -35.54
N ASN C 183 2.93 -9.12 -35.57
CA ASN C 183 2.08 -8.11 -36.25
C ASN C 183 1.24 -7.26 -35.32
N ALA C 184 1.18 -7.64 -34.04
CA ALA C 184 0.41 -6.91 -33.05
C ALA C 184 0.44 -5.37 -33.21
N PHE C 185 1.65 -4.81 -33.26
CA PHE C 185 1.86 -3.36 -33.19
C PHE C 185 2.20 -2.68 -34.53
N ASN C 186 1.76 -3.29 -35.64
CA ASN C 186 2.24 -2.78 -36.93
C ASN C 186 1.52 -1.55 -37.45
N ASN C 187 0.41 -1.18 -36.81
CA ASN C 187 -0.13 0.18 -36.99
C ASN C 187 0.65 1.26 -36.17
N SER C 188 1.59 0.84 -35.33
CA SER C 188 2.47 1.79 -34.65
C SER C 188 3.78 2.01 -35.41
N ILE C 189 4.42 3.16 -35.20
CA ILE C 189 5.80 3.34 -35.61
C ILE C 189 6.67 2.99 -34.41
N ILE C 190 7.37 1.88 -34.53
CA ILE C 190 8.19 1.37 -33.45
C ILE C 190 9.67 1.33 -33.86
N PRO C 191 10.60 1.35 -32.89
CA PRO C 191 12.03 1.36 -33.14
C PRO C 191 12.49 0.29 -34.13
N GLU C 192 13.40 0.68 -35.02
CA GLU C 192 13.93 -0.24 -36.01
C GLU C 192 14.61 -1.44 -35.35
N ASP C 193 15.11 -1.27 -34.14
CA ASP C 193 15.79 -2.38 -33.49
C ASP C 193 14.96 -3.16 -32.43
N THR C 194 13.63 -2.98 -32.44
CA THR C 194 12.74 -3.67 -31.51
C THR C 194 13.02 -5.17 -31.53
N PHE C 195 13.12 -5.78 -30.35
CA PHE C 195 13.43 -7.21 -30.20
C PHE C 195 12.15 -8.08 -30.40
N PHE C 196 12.18 -8.99 -31.36
CA PHE C 196 11.10 -9.97 -31.47
C PHE C 196 11.60 -11.39 -31.23
N PRO C 197 11.44 -11.91 -29.99
CA PRO C 197 11.77 -13.33 -29.72
C PRO C 197 11.01 -14.25 -30.69
N SER C 198 11.55 -15.41 -31.02
CA SER C 198 10.90 -16.27 -32.02
C SER C 198 10.04 -17.38 -31.38
N ALA D 2 -11.15 15.47 10.35
CA ALA D 2 -11.30 14.38 9.33
C ALA D 2 -11.73 14.85 7.93
N GLY D 3 -11.67 16.17 7.69
CA GLY D 3 -11.98 16.76 6.38
C GLY D 3 -13.40 16.58 5.85
N VAL D 4 -13.53 16.53 4.53
CA VAL D 4 -14.87 16.37 3.96
C VAL D 4 -15.08 14.94 3.48
N THR D 5 -16.19 14.33 3.90
CA THR D 5 -16.45 12.97 3.42
C THR D 5 -17.70 12.92 2.54
N GLN D 6 -17.53 12.39 1.34
CA GLN D 6 -18.70 12.17 0.50
C GLN D 6 -18.99 10.72 0.27
N THR D 7 -20.28 10.43 0.23
CA THR D 7 -20.79 9.09 -0.04
C THR D 7 -21.88 9.06 -1.11
N PRO D 8 -22.18 7.84 -1.57
CA PRO D 8 -21.60 6.75 -2.36
C PRO D 8 -20.36 7.17 -3.15
N LYS D 9 -19.33 6.32 -3.17
CA LYS D 9 -18.27 6.51 -4.09
C LYS D 9 -18.71 6.23 -5.54
N PHE D 10 -19.56 5.20 -5.73
CA PHE D 10 -20.09 4.84 -7.04
C PHE D 10 -21.57 4.67 -6.91
N ARG D 11 -22.31 4.98 -7.98
CA ARG D 11 -23.73 4.67 -8.04
C ARG D 11 -24.15 4.43 -9.50
N ILE D 12 -24.98 3.44 -9.75
CA ILE D 12 -25.68 3.27 -11.02
C ILE D 12 -27.15 3.65 -10.81
N LEU D 13 -27.71 4.51 -11.66
CA LEU D 13 -29.15 4.80 -11.57
C LEU D 13 -29.77 4.57 -12.92
N LYS D 14 -30.99 4.06 -12.91
CA LYS D 14 -31.82 4.01 -14.10
C LYS D 14 -32.42 5.43 -14.35
N ILE D 15 -32.58 5.78 -15.60
CA ILE D 15 -33.27 6.99 -15.98
C ILE D 15 -34.51 7.20 -15.12
N GLY D 16 -34.67 8.42 -14.56
CA GLY D 16 -35.89 8.74 -13.86
C GLY D 16 -35.83 8.51 -12.37
N GLN D 17 -34.81 7.76 -11.91
CA GLN D 17 -34.68 7.35 -10.49
C GLN D 17 -34.04 8.50 -9.76
N SER D 18 -34.02 8.45 -8.44
CA SER D 18 -33.34 9.50 -7.64
C SER D 18 -32.28 9.00 -6.67
N MET D 19 -31.42 9.90 -6.24
CA MET D 19 -30.47 9.58 -5.21
C MET D 19 -29.98 10.87 -4.57
N THR D 20 -29.38 10.71 -3.42
CA THR D 20 -28.76 11.77 -2.65
C THR D 20 -27.25 11.43 -2.56
N LEU D 21 -26.42 12.41 -2.83
CA LEU D 21 -25.00 12.29 -2.62
C LEU D 21 -24.75 13.07 -1.35
N GLN D 22 -24.23 12.39 -0.33
CA GLN D 22 -23.95 13.01 0.96
C GLN D 22 -22.61 13.68 1.00
N CYS D 23 -22.54 14.79 1.70
CA CYS D 23 -21.26 15.44 1.93
C CYS D 23 -21.29 16.00 3.36
N THR D 24 -20.36 15.53 4.19
CA THR D 24 -20.22 15.92 5.57
C THR D 24 -18.82 16.51 5.81
N GLN D 25 -18.76 17.53 6.63
CA GLN D 25 -17.50 18.10 7.01
C GLN D 25 -17.59 18.41 8.51
N ASP D 26 -16.57 18.03 9.28
CA ASP D 26 -16.50 18.22 10.74
C ASP D 26 -15.65 19.44 11.14
N MET D 27 -15.33 20.32 10.20
CA MET D 27 -14.34 21.37 10.47
C MET D 27 -14.97 22.69 10.88
N ASN D 28 -16.31 22.65 11.01
CA ASN D 28 -17.16 23.87 11.19
C ASN D 28 -16.98 24.95 10.10
N HIS D 29 -16.65 24.52 8.90
CA HIS D 29 -16.51 25.45 7.78
C HIS D 29 -17.90 25.95 7.39
N ASN D 30 -18.03 27.20 7.00
CA ASN D 30 -19.33 27.71 6.61
C ASN D 30 -19.61 27.51 5.14
N TYR D 31 -18.58 27.77 4.31
CA TYR D 31 -18.71 27.73 2.86
C TYR D 31 -18.62 26.34 2.33
N MET D 32 -19.69 25.89 1.68
CA MET D 32 -19.68 24.60 0.98
C MET D 32 -20.14 24.66 -0.51
N TYR D 33 -19.63 23.74 -1.32
CA TYR D 33 -19.72 23.79 -2.81
C TYR D 33 -19.93 22.39 -3.36
N TRP D 34 -20.82 22.26 -4.35
CA TRP D 34 -20.89 21.05 -5.16
C TRP D 34 -20.48 21.33 -6.62
N TYR D 35 -19.67 20.41 -7.16
CA TYR D 35 -19.17 20.46 -8.55
C TYR D 35 -19.46 19.15 -9.25
N ARG D 36 -19.57 19.21 -10.59
CA ARG D 36 -19.41 18.04 -11.45
C ARG D 36 -18.24 18.21 -12.41
N GLN D 37 -17.70 17.08 -12.85
CA GLN D 37 -16.60 17.03 -13.80
C GLN D 37 -16.79 15.93 -14.84
N ASP D 38 -16.95 16.30 -16.09
CA ASP D 38 -17.04 15.31 -17.14
C ASP D 38 -15.59 15.00 -17.54
N PRO D 39 -15.31 13.77 -18.02
CA PRO D 39 -13.88 13.38 -18.11
C PRO D 39 -13.10 14.27 -19.07
N GLY D 40 -11.91 14.70 -18.62
CA GLY D 40 -10.97 15.57 -19.35
C GLY D 40 -11.43 17.02 -19.41
N MET D 41 -12.47 17.34 -18.63
CA MET D 41 -13.05 18.66 -18.60
C MET D 41 -12.76 19.21 -17.18
N GLY D 42 -13.20 20.44 -16.91
CA GLY D 42 -12.98 21.07 -15.62
C GLY D 42 -14.17 20.92 -14.68
N LEU D 43 -14.05 21.50 -13.47
CA LEU D 43 -15.11 21.41 -12.47
C LEU D 43 -16.14 22.50 -12.72
N LYS D 44 -17.41 22.09 -12.78
CA LYS D 44 -18.53 23.06 -12.92
C LYS D 44 -19.34 23.17 -11.63
N LEU D 45 -19.53 24.39 -11.13
CA LEU D 45 -20.23 24.65 -9.88
C LEU D 45 -21.76 24.43 -10.04
N ILE D 46 -22.29 23.46 -9.29
CA ILE D 46 -23.72 23.15 -9.29
C ILE D 46 -24.50 24.12 -8.34
N TYR D 47 -24.07 24.14 -7.09
CA TYR D 47 -24.77 24.88 -6.04
C TYR D 47 -23.73 25.19 -4.99
N TYR D 48 -23.98 26.22 -4.18
CA TYR D 48 -23.08 26.49 -3.05
C TYR D 48 -23.85 27.00 -1.88
N SER D 49 -23.27 26.86 -0.70
CA SER D 49 -23.91 27.36 0.49
C SER D 49 -22.92 28.15 1.34
N VAL D 50 -23.29 29.35 1.70
CA VAL D 50 -22.42 30.20 2.55
C VAL D 50 -22.50 29.92 4.05
N GLY D 51 -23.49 29.15 4.49
CA GLY D 51 -23.74 28.84 5.89
C GLY D 51 -24.99 28.00 6.05
N ALA D 52 -25.20 27.47 7.25
CA ALA D 52 -26.46 26.77 7.56
C ALA D 52 -27.65 27.60 7.17
N GLY D 53 -28.65 26.98 6.55
CA GLY D 53 -29.94 27.68 6.30
C GLY D 53 -30.04 28.38 4.94
N ILE D 54 -28.93 28.36 4.19
CA ILE D 54 -28.72 29.28 3.03
C ILE D 54 -28.08 28.54 1.87
N THR D 55 -28.70 28.63 0.69
CA THR D 55 -28.12 27.98 -0.48
C THR D 55 -28.24 28.94 -1.66
N ASP D 56 -27.53 28.66 -2.74
CA ASP D 56 -27.70 29.44 -3.96
C ASP D 56 -27.17 28.65 -5.12
N LYS D 57 -27.75 28.90 -6.28
CA LYS D 57 -27.40 28.29 -7.57
C LYS D 57 -25.99 28.66 -8.00
N GLY D 58 -25.25 27.71 -8.57
CA GLY D 58 -23.97 27.99 -9.16
C GLY D 58 -24.15 28.09 -10.65
N GLU D 59 -23.21 27.56 -11.40
CA GLU D 59 -23.16 27.78 -12.83
C GLU D 59 -24.11 26.87 -13.57
N VAL D 60 -24.33 25.66 -13.05
CA VAL D 60 -25.09 24.57 -13.73
C VAL D 60 -26.11 23.89 -12.79
N PRO D 61 -27.04 24.69 -12.18
CA PRO D 61 -27.93 24.10 -11.17
C PRO D 61 -29.04 23.20 -11.75
N ASN D 62 -29.28 23.27 -13.05
CA ASN D 62 -30.46 22.62 -13.61
C ASN D 62 -30.35 21.14 -13.46
N GLY D 63 -31.36 20.56 -12.81
CA GLY D 63 -31.49 19.11 -12.74
C GLY D 63 -31.08 18.65 -11.35
N TYR D 64 -30.65 19.62 -10.55
CA TYR D 64 -30.13 19.36 -9.23
C TYR D 64 -30.84 20.13 -8.13
N ASN D 65 -30.84 19.54 -6.94
CA ASN D 65 -31.28 20.25 -5.76
C ASN D 65 -30.36 19.95 -4.56
N VAL D 66 -30.42 20.84 -3.58
CA VAL D 66 -29.47 20.82 -2.54
C VAL D 66 -30.20 21.38 -1.31
N SER D 67 -29.74 21.03 -0.10
CA SER D 67 -30.23 21.68 1.09
C SER D 67 -29.11 21.80 2.10
N ARG D 68 -29.17 22.86 2.90
CA ARG D 68 -28.20 23.05 3.98
C ARG D 68 -28.93 23.49 5.24
N SER D 69 -29.21 22.57 6.13
CA SER D 69 -29.88 23.00 7.39
C SER D 69 -28.94 22.96 8.60
N THR D 70 -27.82 22.22 8.47
CA THR D 70 -26.80 22.24 9.51
C THR D 70 -25.46 22.69 8.89
N THR D 71 -24.50 23.12 9.71
CA THR D 71 -23.19 23.37 9.09
C THR D 71 -22.46 22.11 8.59
N GLU D 72 -22.72 20.96 9.20
CA GLU D 72 -21.95 19.74 8.87
C GLU D 72 -22.33 19.10 7.54
N ASP D 73 -23.58 19.22 7.11
CA ASP D 73 -23.99 18.44 5.92
C ASP D 73 -24.54 19.27 4.77
N PHE D 74 -24.28 18.81 3.57
CA PHE D 74 -24.68 19.55 2.36
C PHE D 74 -25.10 18.53 1.28
N PRO D 75 -26.26 17.88 1.47
CA PRO D 75 -26.63 16.79 0.56
C PRO D 75 -27.07 17.36 -0.81
N LEU D 76 -26.66 16.69 -1.88
CA LEU D 76 -27.10 17.02 -3.25
C LEU D 76 -28.12 15.93 -3.67
N ARG D 77 -29.28 16.36 -4.19
CA ARG D 77 -30.32 15.46 -4.67
C ARG D 77 -30.43 15.45 -6.18
N LEU D 78 -30.43 14.26 -6.76
CA LEU D 78 -30.81 14.13 -8.16
C LEU D 78 -32.17 13.47 -8.15
N GLU D 79 -33.16 14.25 -8.57
CA GLU D 79 -34.55 13.84 -8.43
C GLU D 79 -35.09 12.96 -9.52
N LEU D 80 -34.72 13.22 -10.75
CA LEU D 80 -34.91 12.21 -11.80
C LEU D 80 -33.75 12.16 -12.77
N ALA D 81 -32.98 11.10 -12.60
CA ALA D 81 -31.66 11.00 -13.15
C ALA D 81 -31.78 11.05 -14.67
N ALA D 82 -30.93 11.86 -15.32
CA ALA D 82 -30.94 11.98 -16.80
C ALA D 82 -29.60 11.50 -17.34
N PRO D 83 -29.54 10.99 -18.59
CA PRO D 83 -28.25 10.51 -19.09
C PRO D 83 -27.13 11.53 -18.98
N SER D 84 -27.49 12.83 -19.08
CA SER D 84 -26.50 13.90 -19.09
C SER D 84 -25.87 14.08 -17.72
N GLN D 85 -26.45 13.42 -16.72
CA GLN D 85 -25.96 13.60 -15.36
C GLN D 85 -24.88 12.57 -15.01
N THR D 86 -24.59 11.63 -15.93
CA THR D 86 -23.42 10.75 -15.76
C THR D 86 -22.18 11.63 -15.63
N SER D 87 -21.49 11.54 -14.49
CA SER D 87 -20.40 12.44 -14.23
C SER D 87 -19.74 12.00 -12.91
N VAL D 88 -18.77 12.80 -12.47
CA VAL D 88 -18.11 12.69 -11.18
C VAL D 88 -18.46 13.93 -10.42
N TYR D 89 -18.91 13.76 -9.18
CA TYR D 89 -19.38 14.85 -8.39
C TYR D 89 -18.43 15.00 -7.23
N PHE D 90 -18.09 16.25 -6.89
CA PHE D 90 -17.15 16.61 -5.82
C PHE D 90 -17.75 17.67 -4.96
N CYS D 91 -17.64 17.45 -3.65
CA CYS D 91 -18.08 18.38 -2.64
C CYS D 91 -16.83 19.02 -2.03
N ALA D 92 -16.88 20.31 -1.71
CA ALA D 92 -15.74 20.99 -1.07
C ALA D 92 -16.22 21.98 -0.05
N SER D 93 -15.35 22.27 0.91
CA SER D 93 -15.55 23.37 1.85
C SER D 93 -14.37 24.35 1.67
N THR D 94 -14.54 25.62 2.06
CA THR D 94 -13.41 26.51 2.16
C THR D 94 -13.34 27.15 3.55
N TYR D 95 -12.13 27.51 3.92
CA TYR D 95 -11.91 28.25 5.19
C TYR D 95 -10.69 29.12 5.03
N HIS D 96 -10.87 30.42 5.27
CA HIS D 96 -9.78 31.43 5.07
C HIS D 96 -9.19 31.40 3.64
N GLY D 97 -10.08 31.16 2.68
CA GLY D 97 -9.73 31.22 1.24
C GLY D 97 -9.08 29.95 0.69
N THR D 98 -8.82 28.96 1.53
CA THR D 98 -8.42 27.65 0.95
C THR D 98 -9.45 26.54 0.98
N GLY D 99 -9.54 25.83 -0.13
CA GLY D 99 -10.54 24.76 -0.24
C GLY D 99 -10.00 23.36 0.05
N TYR D 100 -10.96 22.52 0.47
CA TYR D 100 -10.77 21.15 0.92
C TYR D 100 -11.79 20.28 0.20
N PHE D 101 -11.34 19.29 -0.60
CA PHE D 101 -12.25 18.48 -1.41
C PHE D 101 -12.56 17.09 -0.88
N GLY D 102 -13.81 16.62 -1.04
CA GLY D 102 -14.14 15.17 -0.88
C GLY D 102 -13.49 14.31 -1.96
N GLU D 103 -13.63 12.99 -1.83
CA GLU D 103 -12.93 12.03 -2.72
C GLU D 103 -13.66 11.81 -4.10
N GLY D 104 -14.85 12.37 -4.28
CA GLY D 104 -15.56 12.20 -5.54
C GLY D 104 -16.64 11.15 -5.39
N SER D 105 -17.67 11.31 -6.19
CA SER D 105 -18.73 10.32 -6.33
C SER D 105 -18.96 10.15 -7.79
N TRP D 106 -18.83 8.91 -8.24
CA TRP D 106 -18.99 8.52 -9.67
C TRP D 106 -20.39 8.00 -9.93
N LEU D 107 -21.13 8.70 -10.79
CA LEU D 107 -22.51 8.30 -11.05
C LEU D 107 -22.70 7.96 -12.52
N THR D 108 -23.29 6.80 -12.81
CA THR D 108 -23.66 6.48 -14.18
C THR D 108 -25.16 6.31 -14.26
N VAL D 109 -25.76 6.96 -15.25
CA VAL D 109 -27.20 6.81 -15.51
C VAL D 109 -27.41 6.04 -16.77
N VAL D 110 -28.21 4.99 -16.68
CA VAL D 110 -28.35 3.97 -17.74
C VAL D 110 -29.82 3.89 -18.11
N GLU D 111 -30.14 3.58 -19.35
CA GLU D 111 -31.55 3.46 -19.66
C GLU D 111 -32.16 2.17 -19.12
N ASP D 112 -31.34 1.13 -18.94
CA ASP D 112 -31.79 -0.26 -18.76
C ASP D 112 -30.76 -0.99 -17.89
N LEU D 113 -31.17 -1.51 -16.73
CA LEU D 113 -30.27 -2.26 -15.83
C LEU D 113 -29.69 -3.55 -16.42
N ASN D 114 -30.37 -4.09 -17.45
CA ASN D 114 -29.91 -5.28 -18.20
C ASN D 114 -28.57 -5.07 -18.93
N LYS D 115 -28.16 -3.81 -19.07
CA LYS D 115 -26.82 -3.44 -19.64
C LYS D 115 -25.64 -3.56 -18.65
N VAL D 116 -25.97 -3.77 -17.38
CA VAL D 116 -24.93 -3.94 -16.34
C VAL D 116 -24.34 -5.34 -16.34
N PHE D 117 -23.01 -5.40 -16.37
CA PHE D 117 -22.26 -6.66 -16.41
C PHE D 117 -21.01 -6.52 -15.56
N PRO D 118 -20.69 -7.55 -14.78
CA PRO D 118 -19.47 -7.52 -13.99
C PRO D 118 -18.31 -7.94 -14.91
N PRO D 119 -17.07 -7.67 -14.51
CA PRO D 119 -15.92 -8.09 -15.34
C PRO D 119 -15.63 -9.58 -15.23
N GLU D 120 -15.06 -10.11 -16.30
CA GLU D 120 -14.26 -11.33 -16.26
C GLU D 120 -12.79 -10.94 -16.14
N VAL D 121 -11.98 -11.73 -15.42
CA VAL D 121 -10.59 -11.34 -15.08
C VAL D 121 -9.61 -12.47 -15.41
N ALA D 122 -8.54 -12.16 -16.12
CA ALA D 122 -7.60 -13.20 -16.44
C ALA D 122 -6.21 -12.67 -16.22
N VAL D 123 -5.31 -13.56 -15.76
CA VAL D 123 -3.90 -13.20 -15.61
C VAL D 123 -3.08 -13.94 -16.61
N PHE D 124 -2.09 -13.25 -17.17
CA PHE D 124 -1.25 -13.77 -18.22
C PHE D 124 0.15 -13.73 -17.58
N GLU D 125 0.75 -14.92 -17.48
CA GLU D 125 2.09 -15.14 -16.94
C GLU D 125 3.26 -14.58 -17.79
N PRO D 126 4.36 -14.19 -17.12
CA PRO D 126 5.48 -13.60 -17.84
C PRO D 126 6.04 -14.49 -18.94
N SER D 127 6.43 -13.85 -20.04
CA SER D 127 7.22 -14.47 -21.11
C SER D 127 8.62 -14.92 -20.64
N GLU D 128 8.98 -16.18 -20.94
CA GLU D 128 10.35 -16.67 -20.71
C GLU D 128 11.41 -15.86 -21.45
N ALA D 129 11.02 -15.35 -22.63
CA ALA D 129 11.93 -14.56 -23.44
C ALA D 129 12.27 -13.25 -22.74
N GLU D 130 11.28 -12.65 -22.05
CA GLU D 130 11.48 -11.44 -21.24
C GLU D 130 12.39 -11.63 -20.04
N ILE D 131 12.23 -12.76 -19.41
CA ILE D 131 12.99 -13.09 -18.22
C ILE D 131 14.45 -13.21 -18.59
N SER D 132 14.67 -13.87 -19.72
CA SER D 132 15.97 -14.09 -20.24
C SER D 132 16.65 -12.82 -20.76
N HIS D 133 15.88 -11.92 -21.33
CA HIS D 133 16.44 -10.74 -22.03
C HIS D 133 16.66 -9.60 -21.05
N THR D 134 15.84 -9.53 -20.00
CA THR D 134 15.78 -8.35 -19.14
C THR D 134 16.01 -8.67 -17.66
N GLN D 135 15.95 -9.94 -17.29
CA GLN D 135 15.97 -10.32 -15.87
C GLN D 135 14.79 -9.68 -15.12
N LYS D 136 13.76 -9.29 -15.89
CA LYS D 136 12.48 -8.86 -15.29
C LYS D 136 11.33 -9.74 -15.76
N ALA D 137 10.23 -9.68 -15.03
CA ALA D 137 9.04 -10.49 -15.28
C ALA D 137 7.78 -9.60 -15.19
N THR D 138 7.14 -9.35 -16.32
CA THR D 138 5.86 -8.68 -16.31
C THR D 138 4.63 -9.57 -16.29
N LEU D 139 3.72 -9.39 -15.32
CA LEU D 139 2.44 -10.06 -15.40
C LEU D 139 1.39 -9.12 -15.98
N VAL D 140 0.44 -9.65 -16.74
CA VAL D 140 -0.66 -8.84 -17.30
C VAL D 140 -2.00 -9.35 -16.78
N CYS D 141 -2.83 -8.40 -16.39
CA CYS D 141 -4.17 -8.71 -15.97
C CYS D 141 -5.17 -8.06 -16.93
N LEU D 142 -6.11 -8.83 -17.45
CA LEU D 142 -7.14 -8.24 -18.30
C LEU D 142 -8.51 -8.40 -17.64
N ALA D 143 -9.21 -7.28 -17.48
CA ALA D 143 -10.58 -7.26 -16.97
C ALA D 143 -11.41 -6.90 -18.20
N THR D 144 -12.37 -7.74 -18.56
CA THR D 144 -13.14 -7.55 -19.77
C THR D 144 -14.63 -7.79 -19.54
N GLY D 145 -15.43 -7.23 -20.45
CA GLY D 145 -16.85 -7.50 -20.52
C GLY D 145 -17.69 -6.71 -19.53
N PHE D 146 -17.10 -5.71 -18.89
CA PHE D 146 -17.82 -5.00 -17.80
C PHE D 146 -18.53 -3.72 -18.22
N PHE D 147 -19.65 -3.47 -17.55
CA PHE D 147 -20.36 -2.24 -17.77
C PHE D 147 -21.28 -1.86 -16.62
N PRO D 148 -21.02 -0.70 -16.03
CA PRO D 148 -20.55 0.58 -16.58
C PRO D 148 -19.04 0.60 -16.17
N ASP D 149 -18.33 1.72 -16.29
CA ASP D 149 -16.89 1.68 -15.99
C ASP D 149 -16.68 2.00 -14.51
N HIS D 150 -17.13 1.10 -13.63
CA HIS D 150 -17.05 1.35 -12.19
C HIS D 150 -16.24 0.21 -11.58
N VAL D 151 -14.94 0.23 -11.83
CA VAL D 151 -14.04 -0.81 -11.35
C VAL D 151 -12.83 -0.23 -10.63
N GLU D 152 -12.28 -1.00 -9.70
CA GLU D 152 -11.00 -0.73 -9.09
C GLU D 152 -10.11 -1.99 -9.21
N LEU D 153 -9.06 -1.91 -10.02
CA LEU D 153 -8.16 -3.03 -10.20
C LEU D 153 -6.96 -2.85 -9.24
N SER D 154 -6.56 -3.93 -8.55
CA SER D 154 -5.38 -3.93 -7.68
C SER D 154 -4.67 -5.29 -7.78
N TRP D 155 -3.39 -5.30 -7.44
CA TRP D 155 -2.57 -6.49 -7.46
C TRP D 155 -2.25 -6.81 -5.99
N TRP D 156 -2.23 -8.10 -5.67
CA TRP D 156 -2.01 -8.61 -4.29
C TRP D 156 -0.93 -9.64 -4.39
N VAL D 157 0.14 -9.42 -3.63
CA VAL D 157 1.30 -10.29 -3.74
C VAL D 157 1.54 -10.92 -2.38
N ASN D 158 1.48 -12.25 -2.32
CA ASN D 158 1.46 -12.93 -1.03
C ASN D 158 0.45 -12.31 -0.03
N GLY D 159 -0.79 -12.12 -0.45
CA GLY D 159 -1.80 -11.60 0.46
C GLY D 159 -1.78 -10.09 0.72
N LYS D 160 -0.81 -9.36 0.18
CA LYS D 160 -0.73 -7.92 0.46
C LYS D 160 -0.82 -7.06 -0.79
N GLU D 161 -1.65 -6.02 -0.73
CA GLU D 161 -1.85 -5.12 -1.86
C GLU D 161 -0.54 -4.41 -2.18
N VAL D 162 -0.24 -4.33 -3.45
CA VAL D 162 1.01 -3.82 -3.87
C VAL D 162 0.74 -2.61 -4.80
N HIS D 163 1.58 -1.59 -4.68
CA HIS D 163 1.41 -0.40 -5.51
C HIS D 163 2.64 -0.16 -6.46
N SER D 164 3.82 -0.50 -5.95
CA SER D 164 5.05 -0.39 -6.74
C SER D 164 5.06 -1.44 -7.84
N GLY D 165 5.57 -1.07 -9.03
CA GLY D 165 5.75 -2.06 -10.11
C GLY D 165 4.49 -2.27 -10.89
N VAL D 166 3.50 -1.41 -10.68
CA VAL D 166 2.13 -1.58 -11.21
C VAL D 166 1.74 -0.43 -12.15
N CYS D 167 1.11 -0.77 -13.27
CA CYS D 167 0.55 0.22 -14.16
C CYS D 167 -0.81 -0.23 -14.68
N THR D 168 -1.88 0.52 -14.41
CA THR D 168 -3.22 0.18 -14.92
C THR D 168 -3.62 1.28 -15.89
N ASP D 169 -4.18 0.92 -17.05
CA ASP D 169 -4.67 1.91 -18.03
C ASP D 169 -5.54 2.96 -17.30
N PRO D 170 -5.26 4.26 -17.56
CA PRO D 170 -6.03 5.38 -16.99
C PRO D 170 -7.47 5.43 -17.48
N GLN D 171 -7.76 4.80 -18.62
CA GLN D 171 -9.14 4.66 -19.09
C GLN D 171 -9.28 3.32 -19.82
N PRO D 172 -10.45 2.67 -19.70
CA PRO D 172 -10.75 1.42 -20.42
C PRO D 172 -10.95 1.59 -21.92
N LEU D 173 -10.87 0.50 -22.67
CA LEU D 173 -11.31 0.56 -24.04
C LEU D 173 -12.66 -0.12 -24.22
N LYS D 174 -13.42 0.35 -25.21
CA LYS D 174 -14.76 -0.13 -25.47
C LYS D 174 -14.65 -1.34 -26.33
N GLU D 175 -15.33 -2.40 -25.96
CA GLU D 175 -15.24 -3.64 -26.74
C GLU D 175 -15.92 -3.55 -28.12
N GLN D 176 -17.02 -2.81 -28.14
CA GLN D 176 -17.79 -2.53 -29.35
C GLN D 176 -17.98 -1.04 -29.42
N PRO D 177 -17.00 -0.32 -29.95
CA PRO D 177 -17.10 1.12 -29.91
C PRO D 177 -18.31 1.56 -30.73
N ALA D 178 -18.80 0.66 -31.60
CA ALA D 178 -19.97 0.90 -32.46
C ALA D 178 -21.35 0.70 -31.77
N LEU D 179 -21.38 0.72 -30.43
CA LEU D 179 -22.60 0.54 -29.65
C LEU D 179 -22.71 1.57 -28.51
N ASN D 180 -23.96 1.95 -28.20
CA ASN D 180 -24.29 2.92 -27.13
C ASN D 180 -23.86 2.42 -25.73
N ASP D 181 -24.17 1.16 -25.46
CA ASP D 181 -24.07 0.63 -24.11
C ASP D 181 -22.86 -0.33 -23.97
N SER D 182 -21.84 -0.08 -24.80
CA SER D 182 -20.62 -0.95 -24.93
C SER D 182 -19.94 -1.29 -23.63
N ARG D 183 -19.70 -2.58 -23.48
CA ARG D 183 -18.95 -3.10 -22.37
C ARG D 183 -17.48 -2.77 -22.53
N TYR D 184 -16.74 -2.76 -21.43
CA TYR D 184 -15.40 -2.24 -21.38
C TYR D 184 -14.35 -3.34 -21.15
N ALA D 185 -13.11 -2.99 -21.51
CA ALA D 185 -11.94 -3.79 -21.21
C ALA D 185 -10.88 -2.96 -20.56
N LEU D 186 -10.16 -3.55 -19.61
CA LEU D 186 -9.11 -2.83 -18.90
C LEU D 186 -7.88 -3.73 -18.75
N SER D 187 -6.68 -3.19 -18.91
CA SER D 187 -5.49 -3.98 -18.69
C SER D 187 -4.64 -3.36 -17.58
N SER D 188 -3.86 -4.20 -16.93
CA SER D 188 -2.91 -3.76 -15.92
C SER D 188 -1.66 -4.65 -16.02
N ARG D 189 -0.47 -4.10 -15.71
CA ARG D 189 0.76 -4.88 -15.56
C ARG D 189 1.31 -4.71 -14.14
N LEU D 190 1.86 -5.80 -13.66
CA LEU D 190 2.71 -5.88 -12.50
C LEU D 190 4.09 -6.42 -13.01
N ARG D 191 5.17 -5.66 -12.75
CA ARG D 191 6.52 -6.09 -13.09
C ARG D 191 7.36 -6.36 -11.86
N VAL D 192 8.00 -7.53 -11.83
CA VAL D 192 8.83 -7.89 -10.69
C VAL D 192 10.18 -8.36 -11.22
N SER D 193 11.19 -8.51 -10.36
CA SER D 193 12.42 -9.19 -10.79
C SER D 193 12.17 -10.63 -11.22
N ALA D 194 12.96 -11.12 -12.16
CA ALA D 194 12.86 -12.50 -12.57
C ALA D 194 13.01 -13.45 -11.36
N THR D 195 13.97 -13.13 -10.48
CA THR D 195 14.17 -13.78 -9.18
C THR D 195 12.86 -14.07 -8.42
N PHE D 196 12.06 -13.02 -8.24
CA PHE D 196 10.86 -13.05 -7.43
C PHE D 196 9.79 -13.87 -8.10
N TRP D 197 9.66 -13.77 -9.43
CA TRP D 197 8.65 -14.54 -10.17
C TRP D 197 9.03 -16.01 -10.19
N GLN D 198 10.33 -16.26 -10.28
CA GLN D 198 10.83 -17.62 -10.39
C GLN D 198 10.77 -18.37 -9.07
N ASN D 199 10.37 -17.70 -7.99
CA ASN D 199 10.18 -18.38 -6.70
C ASN D 199 8.75 -18.90 -6.48
N PRO D 200 8.56 -20.25 -6.37
CA PRO D 200 7.20 -20.79 -6.33
C PRO D 200 6.47 -20.53 -4.99
N ARG D 201 7.16 -19.92 -4.01
CA ARG D 201 6.51 -19.48 -2.77
C ARG D 201 5.66 -18.21 -3.01
N ASN D 202 5.96 -17.48 -4.09
CA ASN D 202 5.24 -16.25 -4.39
C ASN D 202 3.94 -16.43 -5.13
N HIS D 203 2.91 -15.86 -4.54
CA HIS D 203 1.56 -15.85 -5.02
C HIS D 203 1.12 -14.46 -5.60
N PHE D 204 0.50 -14.48 -6.79
CA PHE D 204 0.11 -13.22 -7.44
C PHE D 204 -1.36 -13.28 -7.74
N ARG D 205 -2.09 -12.25 -7.29
CA ARG D 205 -3.51 -12.16 -7.59
C ARG D 205 -3.87 -10.77 -8.18
N CYS D 206 -4.54 -10.72 -9.34
CA CYS D 206 -5.19 -9.46 -9.72
C CYS D 206 -6.66 -9.49 -9.38
N GLN D 207 -7.08 -8.44 -8.68
CA GLN D 207 -8.42 -8.32 -8.08
C GLN D 207 -9.11 -7.15 -8.78
N VAL D 208 -10.34 -7.39 -9.25
CA VAL D 208 -11.15 -6.33 -9.74
C VAL D 208 -12.41 -6.18 -8.88
N GLN D 209 -12.45 -5.10 -8.14
CA GLN D 209 -13.65 -4.69 -7.44
C GLN D 209 -14.61 -3.98 -8.40
N PHE D 210 -15.79 -4.55 -8.56
CA PHE D 210 -16.81 -3.99 -9.45
C PHE D 210 -17.87 -3.40 -8.56
N TYR D 211 -18.31 -2.17 -8.88
CA TYR D 211 -19.46 -1.57 -8.22
C TYR D 211 -20.66 -1.65 -9.18
N GLY D 212 -21.64 -2.48 -8.85
CA GLY D 212 -22.81 -2.68 -9.69
C GLY D 212 -24.12 -2.33 -9.02
N LEU D 213 -25.14 -3.16 -9.22
CA LEU D 213 -26.47 -2.89 -8.68
C LEU D 213 -26.53 -3.06 -7.17
N SER D 214 -27.46 -2.36 -6.53
CA SER D 214 -27.71 -2.51 -5.10
C SER D 214 -28.74 -3.63 -4.80
N GLU D 215 -28.84 -3.98 -3.52
CA GLU D 215 -29.78 -4.99 -3.05
C GLU D 215 -31.20 -4.59 -3.40
N ASN D 216 -31.45 -3.29 -3.35
CA ASN D 216 -32.77 -2.75 -3.64
C ASN D 216 -33.14 -2.60 -5.11
N ASP D 217 -32.20 -2.86 -6.02
CA ASP D 217 -32.48 -2.80 -7.45
C ASP D 217 -33.27 -4.01 -7.91
N GLU D 218 -34.35 -3.75 -8.63
CA GLU D 218 -35.16 -4.77 -9.26
C GLU D 218 -34.31 -5.63 -10.21
N TRP D 219 -34.54 -6.95 -10.19
CA TRP D 219 -33.85 -7.87 -11.09
C TRP D 219 -34.63 -9.15 -11.42
N THR D 220 -35.08 -9.28 -12.66
CA THR D 220 -35.75 -10.52 -13.02
C THR D 220 -35.25 -11.13 -14.35
N GLN D 221 -33.98 -10.83 -14.68
CA GLN D 221 -33.27 -11.50 -15.79
C GLN D 221 -32.66 -12.83 -15.29
N ASP D 222 -32.38 -13.74 -16.23
CA ASP D 222 -31.94 -15.13 -15.93
C ASP D 222 -30.55 -15.25 -15.32
N ARG D 223 -29.59 -14.51 -15.85
CA ARG D 223 -28.23 -14.49 -15.28
C ARG D 223 -28.22 -13.90 -13.87
N ALA D 224 -27.18 -14.23 -13.09
CA ALA D 224 -27.02 -13.67 -11.75
C ALA D 224 -27.06 -12.13 -11.80
N LYS D 225 -27.68 -11.53 -10.78
CA LYS D 225 -27.80 -10.10 -10.66
C LYS D 225 -26.41 -9.44 -10.52
N PRO D 226 -26.05 -8.48 -11.43
CA PRO D 226 -24.68 -7.88 -11.42
C PRO D 226 -24.46 -6.87 -10.27
N VAL D 227 -24.34 -7.46 -9.08
CA VAL D 227 -24.16 -6.75 -7.84
C VAL D 227 -22.69 -6.37 -7.66
N THR D 228 -22.46 -5.48 -6.72
CA THR D 228 -21.14 -5.17 -6.21
C THR D 228 -20.44 -6.44 -5.78
N GLN D 229 -19.23 -6.65 -6.32
CA GLN D 229 -18.49 -7.89 -6.11
C GLN D 229 -17.03 -7.76 -6.52
N ILE D 230 -16.21 -8.70 -6.09
CA ILE D 230 -14.81 -8.79 -6.47
C ILE D 230 -14.65 -9.98 -7.41
N VAL D 231 -13.98 -9.79 -8.53
CA VAL D 231 -13.61 -10.94 -9.38
C VAL D 231 -12.07 -10.94 -9.44
N SER D 232 -11.46 -12.10 -9.28
CA SER D 232 -9.97 -12.20 -9.26
C SER D 232 -9.43 -13.28 -10.16
N ALA D 233 -8.15 -13.16 -10.52
CA ALA D 233 -7.44 -14.28 -11.15
C ALA D 233 -6.09 -14.32 -10.44
N GLU D 234 -5.48 -15.48 -10.37
CA GLU D 234 -4.21 -15.64 -9.69
C GLU D 234 -3.22 -16.53 -10.46
N ALA D 235 -1.95 -16.43 -10.06
CA ALA D 235 -0.83 -17.21 -10.60
C ALA D 235 0.12 -17.42 -9.43
N TRP D 236 0.83 -18.54 -9.45
CA TRP D 236 1.95 -18.78 -8.57
C TRP D 236 3.26 -18.62 -9.34
N GLY D 237 4.28 -18.07 -8.67
CA GLY D 237 5.64 -18.06 -9.15
C GLY D 237 6.09 -19.43 -9.67
N ARG D 238 7.03 -19.39 -10.61
CA ARG D 238 7.34 -20.54 -11.43
C ARG D 238 8.83 -20.61 -11.67
N ALA D 239 9.44 -21.72 -11.28
CA ALA D 239 10.84 -21.96 -11.60
C ALA D 239 10.97 -22.40 -13.06
N ASP D 240 9.90 -23.01 -13.58
CA ASP D 240 9.64 -23.18 -15.01
C ASP D 240 9.75 -21.90 -15.80
#